data_1N8Q
#
_entry.id   1N8Q
#
_cell.length_a   112.645
_cell.length_b   136.961
_cell.length_c   61.799
_cell.angle_alpha   90.00
_cell.angle_beta   95.48
_cell.angle_gamma   90.00
#
_symmetry.space_group_name_H-M   'C 1 2 1'
#
loop_
_entity.id
_entity.type
_entity.pdbx_description
1 polymer lipoxygenase-3
2 non-polymer 'FE (II) ION'
3 non-polymer '3,4-DIHYDROXYBENZOIC ACID'
4 water water
#
_entity_poly.entity_id   1
_entity_poly.type   'polypeptide(L)'
_entity_poly.pdbx_seq_one_letter_code
;MLGGLLHRGHKIKGTVVLMRKNVLDVNSVTSVGGIIGQGLDLVGSTLDTLTAFLGRSVSLQLISATKADANGKGKLGKAT
FLEGIITSLPTLGAGQSAFKINFEWDDGSGIPGAFYIKNFMQTEFFLVSLTLEDIPNHGSIHFVCNSWIYNAKLFKSDRI
FFANQTYLPSETPAPLVKYREEELHNLRGDGTGERKEWERIYDYDVYNDLGDPDKGENHARPVLGGNDTFPYPRRGRTGR
KPTRKDPNSESRSNDVYLPRDEAFGHLKSSDFLTYGLKSVSQNVLPLLQSAFDLNFTPREFDSFDEVHGLYSGGIKLPTD
IISKISPLPVLKEIFRTDGEQALKFPPPKVIQVSKSAWMTDEEFAREMLAGVNPNLIRCLKDFPPRSKLDSQVYGDHTSQ
ITKEHLEPNLEGLTVDEAIQNKRLFLLDHHDPIMPYLRRINATSTKAYATRTILFLKNDGTLRPLAIELSLPHPQGDQSG
AFSQVFLPADEGVESSIWLLAKAYVVVNDSCYHQLVSHWLNTHAVVEPFIIATNRHLSVVHPIYKLLHPHYRDTMNINGL
ARLSLVNDGGVIEQTFLWGRYSVEMSAVVYKDWVFTDQALPADLIKRGMAIEDPSCPHGIRLVIEDYPYTVDGLEIWDAI
KTWVHEYVFLYYKSDDTLREDPELQACWKELVEVGHGDKKNEPWWPKMQTREELVEACAIIIWTASALHAAVNFGQYPYG
GLILNRPTLSRRFMPEKGSAEYEELRKNPQKAYLKTITPKFQTLIDLSVIEILSRHASDEVYLGERDNPNWTSDTRALEA
FKRFGNKLAQIENKLSERNNDEKLRNRCGPVQMPYTLLLPSSKEGLTFRGIPNSISI
;
_entity_poly.pdbx_strand_id   A
#
loop_
_chem_comp.id
_chem_comp.type
_chem_comp.name
_chem_comp.formula
DHB non-polymer '3,4-DIHYDROXYBENZOIC ACID' 'C7 H6 O4'
FE2 non-polymer 'FE (II) ION' 'Fe 2'
#
# COMPACT_ATOMS: atom_id res chain seq x y z
N GLY A 9 48.74 6.29 -21.07
CA GLY A 9 47.34 6.18 -20.60
C GLY A 9 46.32 6.35 -21.72
N HIS A 10 45.12 6.78 -21.36
CA HIS A 10 44.04 7.19 -22.28
C HIS A 10 43.13 8.08 -21.43
N LYS A 11 42.31 8.92 -22.06
CA LYS A 11 41.24 9.60 -21.33
C LYS A 11 39.90 8.89 -21.58
N ILE A 12 39.24 8.43 -20.51
CA ILE A 12 37.90 7.83 -20.56
C ILE A 12 36.90 8.97 -20.40
N LYS A 13 35.90 9.05 -21.27
CA LYS A 13 34.95 10.16 -21.17
C LYS A 13 33.72 9.84 -20.38
N GLY A 14 33.51 10.62 -19.32
CA GLY A 14 32.40 10.45 -18.41
C GLY A 14 31.34 11.52 -18.55
N THR A 15 30.10 11.08 -18.43
CA THR A 15 28.95 11.98 -18.32
C THR A 15 28.21 11.63 -17.03
N VAL A 16 28.06 12.61 -16.16
CA VAL A 16 27.42 12.47 -14.86
C VAL A 16 26.11 13.21 -14.94
N VAL A 17 25.00 12.55 -14.61
CA VAL A 17 23.76 13.30 -14.57
C VAL A 17 23.37 13.35 -13.10
N LEU A 18 23.03 14.54 -12.60
CA LEU A 18 22.58 14.62 -11.21
C LEU A 18 21.38 15.54 -11.15
N MET A 19 20.69 15.56 -10.01
CA MET A 19 19.68 16.59 -9.77
C MET A 19 19.98 17.38 -8.49
N ARG A 20 19.77 18.69 -8.54
CA ARG A 20 19.93 19.56 -7.38
C ARG A 20 18.81 19.35 -6.36
N LYS A 21 19.11 19.63 -5.10
CA LYS A 21 18.20 19.35 -4.00
C LYS A 21 16.93 20.18 -4.06
N ASN A 22 17.08 21.42 -4.52
CA ASN A 22 16.01 22.41 -4.66
C ASN A 22 14.93 22.00 -5.68
N VAL A 23 15.25 21.05 -6.54
CA VAL A 23 14.42 20.70 -7.66
C VAL A 23 13.52 19.55 -7.22
N LEU A 24 13.92 18.88 -6.15
CA LEU A 24 13.27 17.72 -5.60
C LEU A 24 12.69 17.89 -4.16
N ASP A 25 12.99 18.99 -3.49
CA ASP A 25 12.61 19.13 -2.08
C ASP A 25 11.27 19.80 -1.93
N VAL A 26 10.40 19.27 -1.06
CA VAL A 26 9.08 19.87 -0.84
C VAL A 26 9.15 21.35 -0.46
N ASN A 27 10.09 21.75 0.40
CA ASN A 27 10.17 23.13 0.88
C ASN A 27 10.49 24.09 -0.26
N SER A 28 11.39 23.68 -1.15
CA SER A 28 11.76 24.52 -2.27
C SER A 28 10.71 24.45 -3.38
N VAL A 29 10.16 23.26 -3.59
CA VAL A 29 9.34 23.04 -4.78
C VAL A 29 7.89 23.49 -4.64
N THR A 30 7.47 23.97 -3.47
CA THR A 30 6.11 24.52 -3.34
C THR A 30 5.76 25.62 -4.36
N SER A 31 6.76 26.39 -4.81
CA SER A 31 6.60 27.33 -5.93
C SER A 31 6.73 26.71 -7.36
N VAL A 32 6.73 25.37 -7.46
CA VAL A 32 6.86 24.62 -8.73
C VAL A 32 5.82 23.44 -8.71
N GLY A 33 4.69 23.60 -9.39
CA GLY A 33 3.63 22.61 -9.21
C GLY A 33 2.49 22.37 -10.19
N GLY A 34 2.52 23.03 -11.35
CA GLY A 34 1.48 22.83 -12.35
C GLY A 34 2.07 22.46 -13.69
N ILE A 35 1.64 21.28 -14.18
CA ILE A 35 2.23 20.54 -15.31
C ILE A 35 3.76 20.50 -15.23
N ILE A 36 4.26 19.47 -14.56
CA ILE A 36 5.70 19.34 -14.44
C ILE A 36 6.22 18.44 -15.58
N GLY A 37 7.23 17.62 -15.31
CA GLY A 37 8.21 17.20 -16.29
C GLY A 37 8.71 18.34 -17.18
N GLN A 38 8.73 19.59 -16.70
CA GLN A 38 8.74 20.79 -17.57
C GLN A 38 9.29 22.09 -16.98
N GLY A 39 9.21 23.15 -17.79
CA GLY A 39 9.56 24.51 -17.42
C GLY A 39 10.85 24.96 -18.07
N LEU A 40 10.86 24.98 -19.41
CA LEU A 40 12.07 24.99 -20.26
C LEU A 40 13.04 23.87 -19.87
N ASP A 41 12.48 22.67 -19.61
CA ASP A 41 13.00 21.62 -18.69
C ASP A 41 14.45 21.75 -18.21
N LEU A 42 14.65 21.87 -16.88
CA LEU A 42 15.92 22.33 -16.29
C LEU A 42 17.12 21.68 -16.95
N VAL A 43 17.74 22.41 -17.89
CA VAL A 43 18.94 21.93 -18.58
C VAL A 43 20.18 22.20 -17.74
N GLY A 44 20.06 23.15 -16.80
CA GLY A 44 21.14 23.60 -15.93
C GLY A 44 21.86 24.85 -16.42
N SER A 45 21.09 25.90 -16.74
CA SER A 45 21.66 27.14 -17.26
C SER A 45 20.68 28.34 -17.32
N THR A 46 20.74 29.18 -16.27
CA THR A 46 20.34 30.62 -16.19
C THR A 46 19.89 31.03 -14.77
N LEU A 47 19.24 30.09 -14.10
CA LEU A 47 18.98 30.20 -12.67
C LEU A 47 20.35 29.85 -12.07
N ASP A 48 20.93 28.78 -12.62
CA ASP A 48 22.37 28.43 -12.59
C ASP A 48 23.20 28.61 -11.31
N THR A 49 23.21 27.57 -10.51
CA THR A 49 24.15 27.45 -9.41
C THR A 49 25.11 26.33 -9.84
N LEU A 50 25.26 26.15 -11.15
CA LEU A 50 25.84 24.93 -11.69
C LEU A 50 27.36 24.97 -11.64
N THR A 51 27.84 26.20 -11.62
CA THR A 51 29.23 26.57 -11.43
C THR A 51 29.78 26.08 -10.08
N ALA A 52 28.95 26.02 -9.05
CA ALA A 52 29.36 25.55 -7.71
C ALA A 52 29.87 24.12 -7.68
N PHE A 53 29.45 23.31 -8.65
CA PHE A 53 29.78 21.90 -8.71
C PHE A 53 31.14 21.65 -9.37
N LEU A 54 31.75 22.72 -9.86
CA LEU A 54 32.82 22.56 -10.83
C LEU A 54 34.26 22.48 -10.33
N GLY A 55 34.65 23.24 -9.32
CA GLY A 55 36.07 23.31 -9.00
C GLY A 55 36.56 22.08 -8.24
N ARG A 56 36.52 22.19 -6.93
CA ARG A 56 37.04 21.19 -6.02
C ARG A 56 35.89 20.71 -5.12
N SER A 57 34.78 20.37 -5.77
CA SER A 57 33.52 20.12 -5.11
C SER A 57 33.12 18.65 -5.06
N VAL A 58 33.29 17.97 -6.18
CA VAL A 58 32.82 16.60 -6.33
C VAL A 58 33.90 15.76 -7.00
N SER A 59 34.32 14.69 -6.34
CA SER A 59 35.36 13.84 -6.90
C SER A 59 34.83 12.46 -7.19
N LEU A 60 35.24 11.87 -8.32
CA LEU A 60 34.84 10.52 -8.68
C LEU A 60 36.08 9.66 -8.89
N GLN A 61 35.99 8.41 -8.49
CA GLN A 61 37.17 7.57 -8.57
C GLN A 61 36.76 6.20 -9.02
N LEU A 62 37.19 5.86 -10.22
CA LEU A 62 36.86 4.61 -10.88
C LEU A 62 37.59 3.42 -10.21
N ILE A 63 36.95 2.27 -10.22
CA ILE A 63 37.43 1.04 -9.62
C ILE A 63 37.38 -0.02 -10.70
N SER A 64 38.53 -0.65 -10.96
CA SER A 64 38.66 -1.67 -12.00
C SER A 64 37.91 -2.95 -11.65
N ALA A 65 37.21 -3.51 -12.64
CA ALA A 65 36.57 -4.81 -12.48
C ALA A 65 37.51 -5.95 -12.78
N THR A 66 38.58 -5.71 -13.53
CA THR A 66 39.42 -6.81 -14.04
C THR A 66 40.87 -6.83 -13.55
N LYS A 67 41.34 -5.75 -12.94
CA LYS A 67 42.72 -5.70 -12.46
C LYS A 67 42.77 -5.40 -10.95
N ALA A 68 43.39 -6.30 -10.20
CA ALA A 68 43.34 -6.22 -8.75
C ALA A 68 44.63 -5.66 -8.19
N ASP A 69 44.61 -5.28 -6.91
CA ASP A 69 45.86 -4.91 -6.28
C ASP A 69 46.46 -6.09 -5.53
N ALA A 70 47.44 -5.82 -4.66
CA ALA A 70 48.13 -6.85 -3.89
C ALA A 70 47.14 -7.75 -3.14
N ASN A 71 46.20 -7.16 -2.42
CA ASN A 71 45.29 -8.01 -1.68
C ASN A 71 43.87 -8.18 -2.20
N GLY A 72 43.77 -8.52 -3.48
CA GLY A 72 42.52 -8.96 -4.05
C GLY A 72 41.58 -7.90 -4.62
N LYS A 73 41.61 -6.69 -4.08
CA LYS A 73 40.64 -5.64 -4.40
C LYS A 73 40.97 -4.89 -5.67
N GLY A 74 39.92 -4.56 -6.43
CA GLY A 74 40.02 -3.70 -7.61
C GLY A 74 40.82 -2.42 -7.48
N LYS A 75 41.75 -2.25 -8.42
CA LYS A 75 42.59 -1.06 -8.56
C LYS A 75 41.82 0.25 -8.68
N LEU A 76 42.22 1.19 -7.83
CA LEU A 76 41.68 2.55 -7.77
C LEU A 76 42.39 3.46 -8.76
N GLY A 77 41.60 4.24 -9.49
CA GLY A 77 42.16 5.27 -10.36
C GLY A 77 42.46 6.50 -9.53
N LYS A 78 42.58 7.62 -10.22
CA LYS A 78 42.83 8.89 -9.56
C LYS A 78 41.51 9.59 -9.28
N ALA A 79 41.36 10.13 -8.07
CA ALA A 79 40.20 10.94 -7.72
C ALA A 79 40.24 12.15 -8.62
N THR A 80 39.14 12.31 -9.35
CA THR A 80 39.01 13.25 -10.46
C THR A 80 37.84 14.17 -10.18
N PHE A 81 37.94 15.44 -10.56
CA PHE A 81 36.89 16.38 -10.23
C PHE A 81 36.07 16.71 -11.49
N LEU A 82 34.83 17.14 -11.30
CA LEU A 82 33.96 17.46 -12.42
C LEU A 82 34.59 18.61 -13.19
N GLU A 83 34.79 18.47 -14.49
CA GLU A 83 35.49 19.56 -15.17
C GLU A 83 34.65 20.52 -16.00
N GLY A 84 33.39 20.20 -16.27
CA GLY A 84 32.60 21.12 -17.06
C GLY A 84 31.13 20.81 -17.13
N ILE A 85 30.33 21.80 -17.51
CA ILE A 85 28.88 21.67 -17.64
C ILE A 85 28.54 21.27 -19.06
N ILE A 86 27.70 20.26 -19.20
CA ILE A 86 27.12 19.93 -20.48
C ILE A 86 25.75 20.56 -20.50
N THR A 87 25.51 21.49 -21.40
CA THR A 87 24.22 22.21 -21.43
C THR A 87 23.04 21.43 -21.95
N SER A 88 23.30 20.38 -22.73
CA SER A 88 22.21 19.71 -23.41
C SER A 88 22.66 18.34 -23.85
N LEU A 89 21.73 17.41 -23.78
CA LEU A 89 21.88 16.03 -24.19
C LEU A 89 20.51 15.65 -24.70
N PRO A 90 20.40 14.77 -25.70
CA PRO A 90 19.09 14.39 -26.27
C PRO A 90 18.21 13.64 -25.30
N THR A 91 18.83 13.20 -24.23
CA THR A 91 18.18 12.37 -23.26
C THR A 91 18.01 13.05 -21.87
N LEU A 92 18.36 14.34 -21.80
CA LEU A 92 18.36 15.13 -20.58
C LEU A 92 17.08 15.14 -19.73
N GLY A 93 15.98 15.79 -20.07
CA GLY A 93 14.90 15.56 -19.08
C GLY A 93 14.86 16.50 -17.86
N ALA A 94 13.69 16.66 -17.28
CA ALA A 94 13.40 17.81 -16.39
C ALA A 94 14.06 17.73 -15.05
N GLY A 95 14.69 18.83 -14.65
CA GLY A 95 15.30 18.91 -13.35
C GLY A 95 16.70 18.34 -13.30
N GLN A 96 17.18 17.84 -14.42
CA GLN A 96 18.47 17.16 -14.41
C GLN A 96 19.60 18.10 -14.86
N SER A 97 20.81 17.81 -14.43
CA SER A 97 21.92 18.65 -14.81
C SER A 97 23.02 17.67 -15.19
N ALA A 98 23.83 18.00 -16.18
CA ALA A 98 24.86 17.07 -16.66
C ALA A 98 26.21 17.71 -16.60
N PHE A 99 27.23 16.89 -16.38
CA PHE A 99 28.61 17.35 -16.18
C PHE A 99 29.56 16.45 -16.90
N LYS A 100 30.59 17.02 -17.54
CA LYS A 100 31.57 16.20 -18.19
C LYS A 100 32.73 16.04 -17.24
N ILE A 101 33.26 14.83 -17.21
CA ILE A 101 34.44 14.51 -16.43
C ILE A 101 35.31 13.56 -17.25
N ASN A 102 36.61 13.76 -17.31
CA ASN A 102 37.46 12.83 -18.06
C ASN A 102 38.45 12.12 -17.15
N PHE A 103 38.57 10.81 -17.30
CA PHE A 103 39.34 9.99 -16.37
C PHE A 103 40.59 9.48 -17.03
N GLU A 104 41.72 9.63 -16.36
CA GLU A 104 42.95 8.99 -16.80
C GLU A 104 42.88 7.47 -16.52
N TRP A 105 43.04 6.66 -17.55
CA TRP A 105 42.93 5.21 -17.42
C TRP A 105 43.77 4.59 -18.51
N ASP A 106 44.39 3.43 -18.27
CA ASP A 106 45.10 2.77 -19.39
C ASP A 106 44.65 1.34 -19.59
N ASP A 107 45.11 0.74 -20.68
CA ASP A 107 45.11 -0.71 -20.81
C ASP A 107 46.16 -1.14 -19.78
N GLY A 108 45.80 -2.04 -18.89
CA GLY A 108 46.66 -2.34 -17.76
C GLY A 108 45.90 -2.06 -16.48
N SER A 109 44.91 -1.19 -16.57
CA SER A 109 43.96 -0.97 -15.48
C SER A 109 42.68 -1.73 -15.80
N GLY A 110 42.53 -2.09 -17.07
CA GLY A 110 41.40 -2.90 -17.46
C GLY A 110 40.11 -2.13 -17.66
N ILE A 111 39.05 -2.74 -17.18
CA ILE A 111 37.69 -2.23 -17.38
C ILE A 111 37.09 -1.79 -16.05
N PRO A 112 36.62 -0.53 -15.97
CA PRO A 112 35.93 -0.08 -14.76
C PRO A 112 34.65 -0.86 -14.54
N GLY A 113 34.31 -1.12 -13.29
CA GLY A 113 33.06 -1.81 -12.96
C GLY A 113 32.37 -1.14 -11.78
N ALA A 114 33.01 -0.12 -11.22
CA ALA A 114 32.46 0.59 -10.06
C ALA A 114 33.15 1.94 -9.89
N PHE A 115 32.58 2.78 -9.02
CA PHE A 115 33.24 4.03 -8.72
C PHE A 115 32.86 4.51 -7.34
N TYR A 116 33.80 5.22 -6.71
CA TYR A 116 33.52 5.95 -5.49
C TYR A 116 33.19 7.40 -5.82
N ILE A 117 32.34 8.02 -5.01
CA ILE A 117 32.06 9.46 -5.20
C ILE A 117 32.19 10.21 -3.88
N LYS A 118 32.80 11.39 -3.90
CA LYS A 118 32.76 12.26 -2.74
C LYS A 118 32.17 13.62 -3.07
N ASN A 119 31.18 14.02 -2.28
CA ASN A 119 30.60 15.36 -2.31
C ASN A 119 31.23 16.26 -1.23
N PHE A 120 31.96 17.31 -1.64
CA PHE A 120 32.56 18.22 -0.65
C PHE A 120 31.69 19.46 -0.47
N MET A 121 30.53 19.45 -1.13
CA MET A 121 29.74 20.67 -1.38
C MET A 121 28.72 21.09 -0.34
N GLN A 122 28.68 20.50 0.85
CA GLN A 122 27.77 20.99 1.91
C GLN A 122 26.28 20.63 1.72
N THR A 123 25.68 21.00 0.60
CA THR A 123 24.31 20.63 0.29
C THR A 123 24.31 19.31 -0.49
N GLU A 124 23.50 18.36 -0.04
CA GLU A 124 23.38 17.08 -0.74
C GLU A 124 22.76 17.23 -2.13
N PHE A 125 23.13 16.30 -3.02
CA PHE A 125 22.51 16.28 -4.34
C PHE A 125 22.05 14.87 -4.69
N PHE A 126 21.20 14.75 -5.68
CA PHE A 126 20.70 13.43 -6.06
C PHE A 126 21.44 12.97 -7.32
N LEU A 127 22.18 11.89 -7.20
CA LEU A 127 23.00 11.45 -8.31
C LEU A 127 22.16 10.51 -9.15
N VAL A 128 22.10 10.72 -10.45
CA VAL A 128 21.19 9.91 -11.27
C VAL A 128 22.02 8.80 -11.94
N SER A 129 23.07 9.19 -12.65
CA SER A 129 23.83 8.17 -13.37
C SER A 129 25.22 8.62 -13.76
N LEU A 130 26.04 7.64 -14.17
CA LEU A 130 27.30 7.90 -14.84
C LEU A 130 27.36 7.06 -16.11
N THR A 131 27.83 7.65 -17.21
CA THR A 131 28.08 6.93 -18.44
C THR A 131 29.54 7.13 -18.81
N LEU A 132 30.26 6.05 -19.04
CA LEU A 132 31.66 6.06 -19.47
C LEU A 132 31.78 5.63 -20.92
N GLU A 133 32.51 6.38 -21.75
CA GLU A 133 32.73 5.94 -23.12
C GLU A 133 34.18 6.12 -23.50
N ASP A 134 34.48 5.72 -24.74
CA ASP A 134 35.83 5.70 -25.30
C ASP A 134 36.71 4.74 -24.46
N ILE A 135 36.22 3.51 -24.29
CA ILE A 135 37.03 2.39 -23.78
C ILE A 135 37.31 1.42 -24.93
N PRO A 136 38.58 1.30 -25.33
CA PRO A 136 38.96 0.54 -26.54
C PRO A 136 38.44 -0.92 -26.62
N ASN A 137 37.72 -1.20 -27.72
CA ASN A 137 36.97 -2.44 -28.10
C ASN A 137 35.86 -2.94 -27.16
N HIS A 138 35.40 -2.01 -26.34
CA HIS A 138 34.35 -2.26 -25.41
C HIS A 138 33.27 -1.22 -25.62
N GLY A 139 32.03 -1.61 -25.37
CA GLY A 139 30.93 -0.68 -25.43
C GLY A 139 30.94 0.32 -24.28
N SER A 140 29.96 1.22 -24.30
CA SER A 140 29.75 2.16 -23.22
C SER A 140 29.38 1.43 -21.96
N ILE A 141 29.85 1.95 -20.84
CA ILE A 141 29.44 1.43 -19.55
C ILE A 141 28.55 2.44 -18.85
N HIS A 142 27.40 1.96 -18.39
CA HIS A 142 26.38 2.75 -17.76
C HIS A 142 26.25 2.38 -16.28
N PHE A 143 26.07 3.39 -15.42
CA PHE A 143 25.92 3.17 -13.97
C PHE A 143 24.59 3.82 -13.65
N VAL A 144 23.63 3.11 -13.07
CA VAL A 144 22.39 3.70 -12.68
C VAL A 144 22.52 3.90 -11.18
N CYS A 145 22.34 5.13 -10.71
CA CYS A 145 22.65 5.39 -9.29
C CYS A 145 21.43 5.69 -8.45
N ASN A 146 20.71 6.75 -8.83
CA ASN A 146 19.49 7.16 -8.12
C ASN A 146 19.66 7.19 -6.60
N SER A 147 20.64 7.97 -6.14
CA SER A 147 20.95 8.03 -4.73
C SER A 147 21.32 9.44 -4.32
N TRP A 148 20.94 9.79 -3.10
CA TRP A 148 21.33 11.08 -2.52
C TRP A 148 22.77 11.01 -2.01
N ILE A 149 23.60 11.97 -2.39
CA ILE A 149 24.99 11.97 -1.94
C ILE A 149 25.20 13.10 -0.98
N TYR A 150 25.35 12.72 0.29
CA TYR A 150 25.58 13.71 1.32
C TYR A 150 27.09 14.02 1.40
N ASN A 151 27.41 15.05 2.16
CA ASN A 151 28.79 15.47 2.37
C ASN A 151 29.73 14.33 2.78
N ALA A 152 30.89 14.28 2.13
CA ALA A 152 31.88 13.20 2.30
C ALA A 152 32.39 12.97 3.74
N LYS A 153 32.43 14.03 4.54
CA LYS A 153 32.84 13.97 5.96
C LYS A 153 31.97 13.06 6.78
N LEU A 154 30.66 13.08 6.47
CA LEU A 154 29.65 12.33 7.20
C LEU A 154 29.79 10.82 7.12
N PHE A 155 30.73 10.33 6.35
CA PHE A 155 30.54 8.95 5.98
C PHE A 155 31.32 7.82 6.61
N LYS A 156 32.64 7.91 6.60
CA LYS A 156 33.57 6.78 6.86
C LYS A 156 33.35 5.62 5.89
N SER A 157 34.21 5.58 4.87
CA SER A 157 34.08 4.77 3.63
C SER A 157 33.11 5.42 2.61
N ASP A 158 33.62 5.59 1.39
CA ASP A 158 32.96 6.39 0.38
C ASP A 158 31.77 5.66 -0.24
N ARG A 159 30.83 6.47 -0.74
CA ARG A 159 29.71 5.99 -1.51
C ARG A 159 30.21 5.28 -2.73
N ILE A 160 29.72 4.07 -2.97
CA ILE A 160 30.13 3.26 -4.10
C ILE A 160 28.94 2.84 -4.97
N PHE A 161 29.17 2.80 -6.29
CA PHE A 161 28.15 2.49 -7.29
C PHE A 161 28.72 1.51 -8.28
N PHE A 162 27.91 0.56 -8.70
CA PHE A 162 28.34 -0.49 -9.57
C PHE A 162 27.72 -0.24 -10.92
N ALA A 163 28.37 -0.77 -11.95
CA ALA A 163 27.88 -0.69 -13.29
C ALA A 163 26.63 -1.52 -13.42
N ASN A 164 25.92 -1.22 -14.50
CA ASN A 164 24.80 -1.89 -15.15
C ASN A 164 24.66 -3.41 -15.06
N GLN A 165 25.78 -4.12 -14.97
CA GLN A 165 25.82 -5.57 -15.12
C GLN A 165 25.28 -6.35 -13.92
N THR A 166 24.35 -7.27 -14.17
CA THR A 166 23.87 -8.16 -13.10
C THR A 166 24.73 -9.42 -12.92
N TYR A 167 25.06 -9.70 -11.68
CA TYR A 167 25.94 -10.81 -11.36
C TYR A 167 25.35 -11.57 -10.19
N LEU A 168 25.19 -12.88 -10.36
CA LEU A 168 24.99 -13.79 -9.23
C LEU A 168 26.19 -13.72 -8.26
N PRO A 169 25.96 -14.01 -6.97
CA PRO A 169 26.95 -13.88 -5.92
C PRO A 169 27.91 -15.02 -5.93
N SER A 170 28.41 -15.43 -7.10
CA SER A 170 29.73 -16.00 -7.10
C SER A 170 30.61 -14.75 -6.97
N GLU A 171 29.88 -13.61 -7.03
CA GLU A 171 30.16 -12.19 -6.68
C GLU A 171 30.83 -11.50 -7.87
N THR A 172 30.60 -12.18 -9.00
CA THR A 172 31.48 -12.32 -10.14
C THR A 172 32.88 -11.66 -10.08
N PRO A 173 33.16 -10.47 -10.67
CA PRO A 173 34.57 -10.19 -11.01
C PRO A 173 35.38 -10.20 -9.75
N ALA A 174 36.36 -11.09 -9.71
CA ALA A 174 37.19 -11.29 -8.53
C ALA A 174 37.71 -10.00 -7.87
N PRO A 175 38.23 -9.00 -8.60
CA PRO A 175 38.57 -7.72 -7.98
C PRO A 175 37.41 -6.93 -7.32
N LEU A 176 36.18 -7.32 -7.59
CA LEU A 176 34.99 -6.61 -7.11
C LEU A 176 34.29 -7.31 -5.93
N VAL A 177 34.62 -8.57 -5.73
CA VAL A 177 34.02 -9.41 -4.66
C VAL A 177 33.98 -8.74 -3.28
N LYS A 178 35.10 -8.16 -2.86
CA LYS A 178 35.19 -7.53 -1.54
C LYS A 178 34.40 -6.22 -1.44
N TYR A 179 34.33 -5.49 -2.56
CA TYR A 179 33.53 -4.26 -2.65
C TYR A 179 32.00 -4.48 -2.53
N ARG A 180 31.55 -5.59 -3.12
CA ARG A 180 30.17 -6.04 -3.06
C ARG A 180 29.75 -6.40 -1.63
N GLU A 181 30.60 -7.17 -0.95
CA GLU A 181 30.40 -7.61 0.44
C GLU A 181 30.44 -6.46 1.46
N GLU A 182 31.36 -5.53 1.27
CA GLU A 182 31.54 -4.44 2.20
C GLU A 182 30.37 -3.47 2.13
N GLU A 183 29.82 -3.27 0.93
CA GLU A 183 28.70 -2.38 0.90
C GLU A 183 27.45 -2.97 1.51
N LEU A 184 27.28 -4.28 1.36
CA LEU A 184 26.19 -5.02 2.00
C LEU A 184 26.31 -4.95 3.54
N HIS A 185 27.54 -4.98 4.04
CA HIS A 185 27.88 -4.85 5.44
C HIS A 185 27.56 -3.42 5.92
N ASN A 186 27.86 -2.42 5.10
CA ASN A 186 27.57 -1.04 5.46
C ASN A 186 26.05 -0.78 5.52
N LEU A 187 25.29 -1.44 4.68
CA LEU A 187 23.84 -1.33 4.68
C LEU A 187 23.13 -1.99 5.91
N ARG A 188 23.74 -3.01 6.50
CA ARG A 188 23.16 -3.71 7.64
C ARG A 188 23.25 -2.88 8.92
N GLY A 189 24.41 -2.26 9.09
CA GLY A 189 24.59 -1.24 10.10
C GLY A 189 24.88 -1.50 11.58
N ASP A 190 24.90 -2.76 12.02
CA ASP A 190 25.30 -3.13 13.41
C ASP A 190 24.20 -3.35 14.49
N GLY A 191 23.12 -2.58 14.46
CA GLY A 191 22.00 -2.93 15.33
C GLY A 191 21.86 -2.00 16.49
N THR A 192 22.78 -1.04 16.57
CA THR A 192 22.74 -0.06 17.64
C THR A 192 22.75 1.34 17.05
N GLY A 193 22.37 2.32 17.86
CA GLY A 193 22.51 3.68 17.43
C GLY A 193 21.21 4.34 17.02
N GLU A 194 21.09 5.63 17.29
CA GLU A 194 19.98 6.38 16.73
C GLU A 194 20.26 6.71 15.28
N ARG A 195 19.34 6.30 14.43
CA ARG A 195 19.44 6.56 13.00
C ARG A 195 19.29 8.03 12.61
N LYS A 196 20.10 8.47 11.67
CA LYS A 196 20.12 9.85 11.25
C LYS A 196 19.72 10.00 9.79
N GLU A 197 19.24 11.19 9.40
CA GLU A 197 18.66 11.47 8.06
C GLU A 197 19.43 10.97 6.81
N TRP A 198 20.75 11.07 6.87
CA TRP A 198 21.66 10.79 5.77
C TRP A 198 22.13 9.34 5.72
N GLU A 199 21.62 8.52 6.61
CA GLU A 199 22.12 7.16 6.77
C GLU A 199 21.34 6.21 5.88
N ARG A 200 21.96 5.08 5.56
CA ARG A 200 21.35 4.15 4.62
C ARG A 200 21.43 2.80 5.30
N ILE A 201 20.91 2.73 6.51
CA ILE A 201 21.07 1.54 7.31
C ILE A 201 19.71 0.90 7.48
N TYR A 202 19.63 -0.36 7.09
CA TYR A 202 18.38 -1.10 7.09
C TYR A 202 18.44 -2.12 8.21
N ASP A 203 17.46 -2.06 9.11
CA ASP A 203 17.39 -3.06 10.19
C ASP A 203 15.93 -3.14 10.66
N TYR A 204 15.66 -4.02 11.62
CA TYR A 204 14.30 -4.36 12.04
C TYR A 204 14.04 -3.95 13.49
N ASP A 205 12.77 -3.64 13.79
CA ASP A 205 12.33 -3.44 15.14
C ASP A 205 10.83 -3.77 15.19
N VAL A 206 10.33 -3.95 16.41
CA VAL A 206 8.92 -4.23 16.60
C VAL A 206 8.13 -2.93 16.62
N TYR A 207 6.82 -3.06 16.67
CA TYR A 207 5.94 -1.90 16.65
C TYR A 207 5.71 -1.57 18.10
N ASN A 208 6.65 -0.78 18.63
CA ASN A 208 6.67 -0.31 19.99
C ASN A 208 6.65 1.23 20.02
N ASP A 209 6.37 1.84 18.87
CA ASP A 209 6.50 3.29 18.73
C ASP A 209 5.18 3.98 18.40
N LEU A 210 4.05 3.29 18.57
CA LEU A 210 2.76 3.85 18.19
C LEU A 210 2.04 4.57 19.33
N GLY A 211 2.37 4.20 20.58
CA GLY A 211 1.68 4.78 21.71
C GLY A 211 2.54 5.87 22.33
N ASP A 212 2.01 6.52 23.34
CA ASP A 212 2.72 7.64 23.91
C ASP A 212 2.61 7.62 25.43
N PRO A 213 3.30 6.68 26.09
CA PRO A 213 3.07 6.43 27.52
C PRO A 213 3.57 7.55 28.45
N ASP A 214 4.42 8.44 27.95
CA ASP A 214 4.83 9.64 28.70
C ASP A 214 3.69 10.66 28.87
N LYS A 215 2.75 10.68 27.92
CA LYS A 215 1.55 11.52 27.97
C LYS A 215 0.56 10.95 28.98
N GLY A 216 0.66 9.67 29.32
CA GLY A 216 -0.24 9.06 30.27
C GLY A 216 -0.43 7.58 30.01
N GLU A 217 -1.37 6.99 30.73
CA GLU A 217 -1.52 5.54 30.73
C GLU A 217 -2.50 5.14 29.63
N ASN A 218 -3.46 6.02 29.41
CA ASN A 218 -4.50 5.85 28.41
C ASN A 218 -3.99 6.07 26.97
N HIS A 219 -2.74 6.56 26.85
CA HIS A 219 -2.02 6.72 25.59
C HIS A 219 -1.02 5.60 25.30
N ALA A 220 -0.84 4.66 26.23
CA ALA A 220 0.03 3.52 25.99
C ALA A 220 -0.70 2.55 25.08
N ARG A 221 0.05 1.86 24.23
CA ARG A 221 -0.50 0.90 23.29
C ARG A 221 0.41 -0.35 23.33
N PRO A 222 -0.15 -1.55 23.16
CA PRO A 222 0.68 -2.74 23.33
C PRO A 222 1.74 -2.90 22.26
N VAL A 223 2.87 -3.47 22.67
CA VAL A 223 3.92 -3.82 21.74
C VAL A 223 3.44 -4.90 20.77
N LEU A 224 3.65 -4.67 19.48
CA LEU A 224 3.13 -5.60 18.54
C LEU A 224 4.32 -6.29 17.93
N GLY A 225 4.33 -7.62 18.02
CA GLY A 225 5.46 -8.37 17.48
C GLY A 225 6.39 -8.83 18.57
N GLY A 226 7.11 -9.93 18.36
CA GLY A 226 8.03 -10.45 19.39
C GLY A 226 7.37 -11.12 20.58
N ASN A 227 6.06 -11.35 20.47
CA ASN A 227 5.34 -12.09 21.50
C ASN A 227 4.27 -12.96 20.81
N ASP A 228 3.64 -13.86 21.55
CA ASP A 228 2.70 -14.81 20.95
C ASP A 228 1.28 -14.26 20.84
N THR A 229 0.88 -13.45 21.82
CA THR A 229 -0.42 -12.77 21.85
C THR A 229 -0.64 -11.77 20.71
N PHE A 230 0.32 -10.88 20.48
CA PHE A 230 0.22 -9.96 19.37
C PHE A 230 1.43 -10.08 18.38
N PRO A 231 1.52 -11.15 17.59
CA PRO A 231 2.60 -11.24 16.59
C PRO A 231 2.36 -10.20 15.51
N TYR A 232 3.46 -9.77 14.88
CA TYR A 232 3.37 -8.73 13.88
C TYR A 232 4.62 -8.83 12.97
N PRO A 233 4.51 -8.42 11.72
CA PRO A 233 5.71 -8.19 10.91
C PRO A 233 6.62 -7.11 11.56
N ARG A 234 7.91 -7.13 11.26
CA ARG A 234 8.81 -6.11 11.82
C ARG A 234 8.72 -4.86 10.97
N ARG A 235 9.21 -3.74 11.48
CA ARG A 235 9.27 -2.51 10.68
C ARG A 235 10.71 -2.05 10.72
N GLY A 236 11.00 -1.03 9.90
CA GLY A 236 12.29 -0.39 9.87
C GLY A 236 12.76 0.19 11.18
N ARG A 237 13.90 -0.32 11.63
CA ARG A 237 14.54 0.21 12.81
C ARG A 237 14.91 1.70 12.74
N THR A 238 14.38 2.36 13.73
CA THR A 238 14.64 3.71 14.03
C THR A 238 15.02 3.48 15.50
N GLY A 239 16.14 4.04 15.89
CA GLY A 239 16.62 3.69 17.21
C GLY A 239 16.57 4.91 18.12
N ARG A 240 15.42 5.54 18.24
CA ARG A 240 15.31 6.65 19.18
C ARG A 240 15.39 6.12 20.60
N LYS A 241 15.62 7.07 21.51
CA LYS A 241 15.71 6.76 22.91
C LYS A 241 14.33 6.31 23.39
N PRO A 242 14.31 5.40 24.34
CA PRO A 242 13.04 4.94 24.86
C PRO A 242 12.37 6.01 25.71
N THR A 243 11.09 5.78 25.89
CA THR A 243 10.15 6.61 26.62
C THR A 243 10.54 6.61 28.11
N ARG A 244 10.12 7.62 28.88
CA ARG A 244 10.48 7.70 30.30
C ARG A 244 9.77 6.61 31.11
N LYS A 245 8.49 6.44 30.82
CA LYS A 245 7.60 5.60 31.62
C LYS A 245 7.70 4.11 31.29
N ASP A 246 8.27 3.79 30.14
CA ASP A 246 8.37 2.41 29.69
C ASP A 246 9.63 2.20 28.83
N PRO A 247 10.62 1.48 29.39
CA PRO A 247 11.82 1.06 28.67
C PRO A 247 11.58 0.28 27.37
N ASN A 248 10.44 -0.37 27.23
CA ASN A 248 10.16 -1.15 26.02
C ASN A 248 9.46 -0.40 24.91
N SER A 249 9.09 0.86 25.16
CA SER A 249 8.43 1.68 24.14
C SER A 249 9.38 2.76 23.64
N GLU A 250 9.32 3.03 22.34
CA GLU A 250 10.21 4.03 21.76
C GLU A 250 9.55 5.41 21.83
N SER A 251 10.30 6.43 22.22
CA SER A 251 9.77 7.78 22.33
C SER A 251 9.36 8.42 21.01
N ARG A 252 8.37 9.30 21.06
CA ARG A 252 7.79 9.88 19.83
C ARG A 252 8.67 10.97 19.28
N SER A 253 8.61 11.14 17.96
CA SER A 253 9.28 12.24 17.31
C SER A 253 8.50 12.68 16.08
N ASN A 254 8.55 13.96 15.75
CA ASN A 254 7.91 14.46 14.53
C ASN A 254 8.58 14.05 13.22
N ASP A 255 9.82 13.59 13.30
CA ASP A 255 10.52 13.14 12.10
C ASP A 255 10.91 11.69 12.26
N VAL A 256 10.41 10.81 11.41
CA VAL A 256 10.86 9.43 11.54
C VAL A 256 11.84 9.04 10.42
N TYR A 257 12.96 8.47 10.85
CA TYR A 257 14.00 8.01 9.95
C TYR A 257 13.49 6.86 9.11
N LEU A 258 13.91 6.89 7.87
CA LEU A 258 13.89 5.74 7.00
C LEU A 258 15.20 5.91 6.26
N PRO A 259 15.77 4.80 5.78
CA PRO A 259 17.03 4.82 5.04
C PRO A 259 16.88 5.72 3.82
N ARG A 260 17.84 6.63 3.67
CA ARG A 260 17.77 7.69 2.68
C ARG A 260 17.91 6.90 1.39
N ASP A 261 17.10 7.31 0.43
CA ASP A 261 16.88 6.66 -0.88
C ASP A 261 15.57 5.93 -0.84
N GLU A 262 15.07 5.60 0.36
CA GLU A 262 13.67 5.13 0.43
C GLU A 262 12.68 6.31 0.43
N ALA A 263 13.12 7.53 0.74
CA ALA A 263 12.22 8.70 0.65
C ALA A 263 12.41 9.41 -0.69
N PHE A 264 11.38 9.39 -1.52
CA PHE A 264 11.44 9.89 -2.89
C PHE A 264 11.02 11.33 -2.94
N GLY A 265 11.76 12.15 -3.68
CA GLY A 265 11.36 13.51 -3.91
C GLY A 265 10.49 13.55 -5.14
N HIS A 266 9.97 14.74 -5.45
CA HIS A 266 9.10 14.90 -6.61
C HIS A 266 9.39 16.23 -7.20
N LEU A 267 9.15 16.35 -8.49
CA LEU A 267 9.45 17.59 -9.15
C LEU A 267 8.27 18.55 -8.95
N LYS A 268 7.08 17.98 -8.79
CA LYS A 268 5.84 18.73 -8.68
C LYS A 268 5.32 18.76 -7.25
N SER A 269 5.09 19.94 -6.69
CA SER A 269 4.36 19.97 -5.43
C SER A 269 2.92 19.67 -5.86
N SER A 270 2.25 18.85 -5.07
CA SER A 270 0.96 18.18 -5.40
C SER A 270 1.21 16.73 -5.67
N ASP A 271 2.48 16.35 -5.90
CA ASP A 271 2.84 14.93 -5.97
C ASP A 271 3.42 14.50 -4.63
N PHE A 272 3.61 15.46 -3.73
CA PHE A 272 4.14 15.16 -2.40
C PHE A 272 2.96 14.70 -1.50
N LEU A 273 2.43 13.51 -1.74
CA LEU A 273 1.15 13.11 -1.13
C LEU A 273 1.25 12.80 0.33
N THR A 274 2.34 12.15 0.79
CA THR A 274 2.53 11.86 2.20
C THR A 274 2.65 13.12 3.04
N TYR A 275 3.24 14.14 2.43
CA TYR A 275 3.31 15.48 2.99
C TYR A 275 1.92 16.08 3.12
N GLY A 276 1.06 15.82 2.16
CA GLY A 276 -0.33 16.24 2.29
C GLY A 276 -1.11 15.54 3.40
N LEU A 277 -0.84 14.25 3.56
CA LEU A 277 -1.43 13.47 4.64
C LEU A 277 -1.00 13.98 6.03
N LYS A 278 0.31 14.20 6.17
CA LYS A 278 0.93 14.74 7.39
C LYS A 278 0.33 16.09 7.75
N SER A 279 0.05 16.92 6.74
CA SER A 279 -0.60 18.21 6.95
C SER A 279 -2.03 18.08 7.43
N VAL A 280 -2.76 17.10 6.89
CA VAL A 280 -4.15 16.89 7.31
C VAL A 280 -4.24 16.48 8.79
N SER A 281 -3.30 15.63 9.23
CA SER A 281 -3.22 15.23 10.63
C SER A 281 -2.80 16.38 11.55
N GLN A 282 -1.74 17.08 11.18
CA GLN A 282 -1.16 18.08 12.06
C GLN A 282 -1.83 19.46 11.98
N ASN A 283 -2.12 19.93 10.78
CA ASN A 283 -2.59 21.31 10.65
C ASN A 283 -4.09 21.37 10.52
N VAL A 284 -4.64 20.48 9.72
CA VAL A 284 -6.04 20.60 9.27
C VAL A 284 -7.01 20.08 10.30
N LEU A 285 -6.71 18.91 10.85
CA LEU A 285 -7.55 18.31 11.90
C LEU A 285 -7.73 19.21 13.15
N PRO A 286 -6.68 19.67 13.86
CA PRO A 286 -6.88 20.57 15.02
C PRO A 286 -7.62 21.87 14.70
N LEU A 287 -7.42 22.40 13.50
CA LEU A 287 -8.19 23.55 13.04
C LEU A 287 -9.65 23.24 12.85
N LEU A 288 -9.95 22.10 12.22
CA LEU A 288 -11.35 21.79 11.91
C LEU A 288 -12.12 21.39 13.16
N GLN A 289 -11.43 20.68 14.06
CA GLN A 289 -11.88 20.33 15.40
C GLN A 289 -12.14 21.54 16.26
N SER A 290 -11.37 22.61 16.04
CA SER A 290 -11.66 23.89 16.70
C SER A 290 -13.00 24.45 16.27
N ALA A 291 -13.39 24.26 15.01
CA ALA A 291 -14.69 24.75 14.53
C ALA A 291 -15.89 23.96 15.07
N PHE A 292 -15.65 22.72 15.49
CA PHE A 292 -16.75 21.93 16.07
C PHE A 292 -16.82 22.13 17.60
N ASP A 293 -15.64 22.29 18.22
CA ASP A 293 -15.53 22.66 19.63
C ASP A 293 -15.94 24.14 19.79
N LEU A 294 -16.16 24.79 18.65
CA LEU A 294 -16.79 26.11 18.48
C LEU A 294 -18.32 25.98 18.21
N ASN A 295 -18.75 26.13 16.95
CA ASN A 295 -20.11 26.57 16.54
C ASN A 295 -20.51 26.65 15.05
N PHE A 296 -19.60 27.09 14.16
CA PHE A 296 -19.92 27.60 12.80
C PHE A 296 -20.48 26.57 11.81
N THR A 297 -20.41 25.30 12.20
CA THR A 297 -21.20 24.25 11.58
C THR A 297 -21.91 23.49 12.66
N PRO A 298 -23.12 22.99 12.34
CA PRO A 298 -23.80 22.03 13.19
C PRO A 298 -22.96 20.76 13.23
N ARG A 299 -22.97 20.09 14.37
CA ARG A 299 -22.09 18.97 14.60
C ARG A 299 -22.60 17.70 13.93
N GLU A 300 -23.84 17.75 13.48
CA GLU A 300 -24.47 16.58 12.90
C GLU A 300 -25.21 16.89 11.60
N PHE A 301 -25.19 15.92 10.71
CA PHE A 301 -25.98 15.95 9.50
C PHE A 301 -27.42 15.72 9.89
N ASP A 302 -28.36 16.40 9.24
CA ASP A 302 -29.78 16.20 9.56
C ASP A 302 -30.54 15.51 8.43
N SER A 303 -30.01 15.57 7.20
CA SER A 303 -30.61 14.86 6.08
C SER A 303 -29.55 14.28 5.16
N PHE A 304 -29.97 13.46 4.20
CA PHE A 304 -29.08 12.87 3.21
C PHE A 304 -28.64 13.98 2.26
N ASP A 305 -29.55 14.94 2.01
CA ASP A 305 -29.29 16.14 1.22
C ASP A 305 -28.13 17.01 1.75
N GLU A 306 -28.04 17.15 3.07
CA GLU A 306 -26.89 17.79 3.72
C GLU A 306 -25.56 17.06 3.47
N VAL A 307 -25.59 15.74 3.32
CA VAL A 307 -24.37 14.99 2.94
C VAL A 307 -24.03 15.24 1.48
N HIS A 308 -25.04 15.35 0.62
CA HIS A 308 -24.80 15.57 -0.81
C HIS A 308 -24.25 16.97 -1.11
N GLY A 309 -24.63 17.92 -0.27
CA GLY A 309 -24.14 19.29 -0.34
C GLY A 309 -22.64 19.47 -0.14
N LEU A 310 -21.96 18.45 0.39
CA LEU A 310 -20.49 18.36 0.43
C LEU A 310 -19.84 18.48 -0.97
N TYR A 311 -20.55 18.05 -2.01
CA TYR A 311 -20.00 18.02 -3.37
C TYR A 311 -20.63 19.06 -4.28
N SER A 312 -21.51 19.86 -3.70
CA SER A 312 -22.18 20.94 -4.42
C SER A 312 -21.56 22.24 -4.01
N GLY A 313 -22.19 22.90 -3.03
CA GLY A 313 -21.66 24.11 -2.45
C GLY A 313 -20.58 23.87 -1.40
N GLY A 314 -20.46 22.64 -0.94
CA GLY A 314 -19.48 22.33 0.09
C GLY A 314 -19.98 22.75 1.46
N ILE A 315 -19.10 22.69 2.43
CA ILE A 315 -19.50 23.03 3.79
C ILE A 315 -18.92 24.39 4.20
N LYS A 316 -19.76 25.25 4.77
CA LYS A 316 -19.36 26.61 5.12
C LYS A 316 -18.54 26.70 6.41
N LEU A 317 -17.36 27.32 6.28
CA LEU A 317 -16.42 27.59 7.37
C LEU A 317 -16.27 29.11 7.48
N PRO A 318 -15.71 29.68 8.56
CA PRO A 318 -15.42 31.12 8.50
C PRO A 318 -14.13 31.42 7.73
N THR A 319 -13.89 32.70 7.43
CA THR A 319 -12.72 33.08 6.63
C THR A 319 -11.37 32.67 7.23
N ASP A 320 -11.12 32.98 8.50
CA ASP A 320 -9.79 32.72 9.08
C ASP A 320 -9.46 31.24 9.35
N ILE A 321 -10.47 30.38 9.42
CA ILE A 321 -10.24 28.93 9.47
C ILE A 321 -9.90 28.43 8.06
N ILE A 322 -10.68 28.87 7.09
CA ILE A 322 -10.46 28.51 5.69
C ILE A 322 -9.28 29.26 5.03
N SER A 323 -8.81 30.36 5.63
CA SER A 323 -7.61 31.04 5.12
C SER A 323 -6.34 30.41 5.67
N LYS A 324 -6.49 29.53 6.66
CA LYS A 324 -5.32 28.84 7.19
C LYS A 324 -5.18 27.46 6.57
N ILE A 325 -6.13 27.09 5.72
CA ILE A 325 -6.02 25.85 4.93
C ILE A 325 -5.91 26.11 3.42
N SER A 326 -6.36 27.28 2.97
CA SER A 326 -6.14 27.69 1.58
C SER A 326 -4.69 27.85 1.07
N PRO A 327 -3.71 28.31 1.84
CA PRO A 327 -2.35 28.39 1.30
C PRO A 327 -1.36 27.33 1.79
N LEU A 328 -1.80 26.19 2.35
CA LEU A 328 -0.79 25.19 2.73
C LEU A 328 -0.36 24.37 1.53
N PRO A 329 0.96 24.19 1.42
CA PRO A 329 1.55 23.32 0.39
C PRO A 329 0.87 21.97 0.25
N VAL A 330 0.68 21.59 -1.02
CA VAL A 330 0.00 20.38 -1.51
C VAL A 330 -1.52 20.38 -1.35
N LEU A 331 -2.02 20.68 -0.17
CA LEU A 331 -3.46 20.62 0.09
C LEU A 331 -4.28 21.65 -0.67
N LYS A 332 -3.65 22.75 -1.10
CA LYS A 332 -4.38 23.71 -1.95
C LYS A 332 -4.58 23.21 -3.38
N GLU A 333 -3.90 22.13 -3.74
CA GLU A 333 -4.12 21.50 -5.04
C GLU A 333 -5.16 20.38 -4.94
N ILE A 334 -5.31 19.80 -3.74
CA ILE A 334 -6.28 18.71 -3.57
C ILE A 334 -7.57 19.11 -2.77
N PHE A 335 -7.60 20.29 -2.19
CA PHE A 335 -8.86 20.84 -1.69
C PHE A 335 -9.44 21.86 -2.69
N ARG A 336 -10.76 21.91 -2.77
CA ARG A 336 -11.44 22.94 -3.55
C ARG A 336 -11.84 24.07 -2.62
N THR A 337 -12.32 25.16 -3.20
CA THR A 337 -12.75 26.35 -2.48
C THR A 337 -13.69 27.17 -3.37
N ASP A 338 -14.79 27.67 -2.81
CA ASP A 338 -15.55 28.68 -3.53
C ASP A 338 -15.36 30.04 -2.85
N GLY A 339 -14.39 30.79 -3.33
CA GLY A 339 -14.07 32.08 -2.72
C GLY A 339 -13.38 31.90 -1.39
N GLU A 340 -14.07 32.22 -0.31
CA GLU A 340 -13.45 32.08 1.02
C GLU A 340 -14.39 31.73 2.16
N GLN A 341 -15.26 30.74 1.94
CA GLN A 341 -15.90 30.05 3.06
C GLN A 341 -16.20 28.57 2.85
N ALA A 342 -16.02 28.07 1.63
CA ALA A 342 -16.48 26.71 1.37
C ALA A 342 -15.38 25.66 1.22
N LEU A 343 -15.33 24.69 2.10
CA LEU A 343 -14.50 23.52 1.83
C LEU A 343 -15.37 22.52 1.09
N LYS A 344 -14.93 22.13 -0.10
CA LYS A 344 -15.74 21.32 -1.02
C LYS A 344 -15.04 19.98 -1.34
N PHE A 345 -15.82 18.97 -1.74
CA PHE A 345 -15.26 17.65 -2.04
C PHE A 345 -15.70 17.26 -3.45
N PRO A 346 -14.82 16.62 -4.23
CA PRO A 346 -15.20 16.12 -5.55
C PRO A 346 -16.24 15.01 -5.43
N PRO A 347 -17.22 14.95 -6.32
CA PRO A 347 -18.29 13.96 -6.21
C PRO A 347 -17.69 12.57 -6.43
N PRO A 348 -17.92 11.67 -5.49
CA PRO A 348 -17.42 10.29 -5.63
C PRO A 348 -18.16 9.60 -6.76
N LYS A 349 -17.45 8.76 -7.51
CA LYS A 349 -17.99 8.08 -8.67
C LYS A 349 -19.27 7.26 -8.40
N VAL A 350 -19.38 6.70 -7.19
CA VAL A 350 -20.59 6.01 -6.74
C VAL A 350 -21.92 6.78 -6.87
N ILE A 351 -21.89 8.11 -6.85
CA ILE A 351 -23.15 8.82 -7.07
C ILE A 351 -23.21 9.62 -8.35
N GLN A 352 -22.29 9.39 -9.27
CA GLN A 352 -22.22 10.27 -10.44
C GLN A 352 -23.38 10.06 -11.43
N VAL A 353 -23.92 8.85 -11.46
CA VAL A 353 -25.08 8.58 -12.31
C VAL A 353 -26.36 8.55 -11.46
N SER A 354 -26.32 7.88 -10.32
CA SER A 354 -27.50 7.77 -9.48
C SER A 354 -27.17 8.10 -8.02
N LYS A 355 -27.91 9.03 -7.43
CA LYS A 355 -27.71 9.43 -6.03
C LYS A 355 -28.09 8.32 -5.05
N SER A 356 -29.05 7.47 -5.44
CA SER A 356 -29.70 6.56 -4.52
C SER A 356 -29.42 5.09 -4.76
N ALA A 357 -28.71 4.74 -5.83
CA ALA A 357 -28.46 3.33 -6.19
C ALA A 357 -27.58 2.54 -5.21
N TRP A 358 -26.82 3.23 -4.37
CA TRP A 358 -26.03 2.56 -3.33
C TRP A 358 -26.92 1.84 -2.29
N MET A 359 -28.14 2.33 -2.07
CA MET A 359 -29.07 1.77 -1.10
C MET A 359 -29.64 0.39 -1.48
N THR A 360 -29.38 0.00 -2.71
CA THR A 360 -30.00 -1.16 -3.30
C THR A 360 -29.25 -2.43 -2.79
N ASP A 361 -29.99 -3.51 -2.58
CA ASP A 361 -29.43 -4.78 -2.14
C ASP A 361 -28.44 -5.30 -3.17
N GLU A 362 -28.77 -5.09 -4.43
CA GLU A 362 -27.92 -5.50 -5.56
C GLU A 362 -26.50 -4.90 -5.50
N GLU A 363 -26.42 -3.60 -5.25
CA GLU A 363 -25.18 -2.91 -5.09
C GLU A 363 -24.44 -3.30 -3.84
N PHE A 364 -25.17 -3.47 -2.73
CA PHE A 364 -24.59 -3.96 -1.47
C PHE A 364 -23.84 -5.28 -1.67
N ALA A 365 -24.51 -6.22 -2.35
CA ALA A 365 -23.89 -7.49 -2.65
C ALA A 365 -22.78 -7.37 -3.71
N ARG A 366 -22.96 -6.50 -4.71
CA ARG A 366 -21.95 -6.35 -5.78
C ARG A 366 -20.58 -5.82 -5.31
N GLU A 367 -20.62 -5.00 -4.27
CA GLU A 367 -19.40 -4.44 -3.67
C GLU A 367 -18.57 -5.48 -2.93
N MET A 368 -19.14 -6.65 -2.69
CA MET A 368 -18.36 -7.72 -2.12
C MET A 368 -17.55 -8.39 -3.20
N LEU A 369 -17.89 -8.16 -4.47
CA LEU A 369 -17.12 -8.75 -5.57
C LEU A 369 -16.29 -7.71 -6.30
N ALA A 370 -16.65 -6.42 -6.18
CA ALA A 370 -16.10 -5.42 -7.11
C ALA A 370 -15.87 -4.08 -6.43
N GLY A 371 -15.99 -4.09 -5.11
CA GLY A 371 -15.89 -2.89 -4.33
C GLY A 371 -14.49 -2.73 -3.80
N VAL A 372 -14.40 -2.03 -2.67
CA VAL A 372 -13.16 -1.65 -2.01
C VAL A 372 -12.52 -2.84 -1.30
N ASN A 373 -13.36 -3.82 -0.95
CA ASN A 373 -12.94 -4.95 -0.16
C ASN A 373 -13.49 -6.22 -0.78
N PRO A 374 -12.92 -6.63 -1.91
CA PRO A 374 -13.58 -7.64 -2.76
C PRO A 374 -13.06 -9.07 -2.55
N ASN A 375 -12.38 -9.23 -1.43
CA ASN A 375 -11.48 -10.28 -1.03
C ASN A 375 -12.00 -11.22 0.05
N LEU A 376 -13.13 -10.90 0.66
CA LEU A 376 -13.50 -11.59 1.89
C LEU A 376 -14.53 -12.70 1.76
N ILE A 377 -15.50 -12.45 0.88
CA ILE A 377 -16.58 -13.39 0.58
C ILE A 377 -16.10 -14.84 0.41
N ARG A 378 -16.85 -15.75 0.99
CA ARG A 378 -16.54 -17.15 0.81
C ARG A 378 -17.74 -18.00 0.48
N CYS A 379 -17.48 -19.16 -0.09
CA CYS A 379 -18.55 -20.08 -0.42
C CYS A 379 -18.90 -20.92 0.81
N LEU A 380 -20.19 -21.01 1.09
CA LEU A 380 -20.70 -21.72 2.25
C LEU A 380 -20.60 -23.21 2.00
N LYS A 381 -19.81 -23.91 2.81
CA LYS A 381 -19.58 -25.35 2.65
C LYS A 381 -20.53 -26.15 3.50
N ASP A 382 -20.71 -25.70 4.72
CA ASP A 382 -21.64 -26.40 5.59
C ASP A 382 -22.48 -25.39 6.32
N PHE A 383 -23.49 -25.91 7.00
CA PHE A 383 -24.60 -25.07 7.38
C PHE A 383 -25.18 -25.34 8.78
N PRO A 384 -25.48 -24.38 9.67
CA PRO A 384 -25.49 -22.91 9.56
C PRO A 384 -24.04 -22.46 9.45
N PRO A 385 -23.55 -21.24 9.53
CA PRO A 385 -22.09 -21.27 9.58
C PRO A 385 -21.51 -21.28 10.99
N ARG A 386 -20.21 -21.46 11.11
CA ARG A 386 -19.59 -21.71 12.42
C ARG A 386 -18.47 -20.75 12.75
N SER A 387 -18.10 -20.71 14.02
CA SER A 387 -17.06 -19.80 14.45
C SER A 387 -15.75 -20.53 14.76
N LYS A 388 -14.64 -19.80 14.68
CA LYS A 388 -13.33 -20.36 14.99
C LYS A 388 -12.95 -19.97 16.41
N LEU A 389 -13.88 -19.34 17.13
CA LEU A 389 -13.60 -18.89 18.48
C LEU A 389 -13.60 -20.11 19.40
N ASP A 390 -12.79 -20.00 20.46
CA ASP A 390 -12.41 -21.14 21.29
C ASP A 390 -13.55 -21.93 21.89
N SER A 391 -14.20 -21.43 22.94
CA SER A 391 -15.15 -22.33 23.63
C SER A 391 -16.44 -21.70 24.20
N GLN A 392 -17.00 -20.76 23.44
CA GLN A 392 -18.25 -20.15 23.78
C GLN A 392 -19.26 -20.76 22.83
N VAL A 393 -20.52 -20.85 23.21
CA VAL A 393 -21.41 -21.63 22.35
C VAL A 393 -22.13 -20.85 21.23
N TYR A 394 -21.40 -19.96 20.57
CA TYR A 394 -21.78 -19.57 19.24
C TYR A 394 -20.75 -20.17 18.35
N GLY A 395 -19.65 -20.63 18.94
CA GLY A 395 -18.51 -21.08 18.18
C GLY A 395 -18.55 -22.56 18.24
N ASP A 396 -18.63 -22.97 19.49
CA ASP A 396 -19.05 -24.30 19.85
C ASP A 396 -20.50 -24.56 19.40
N HIS A 397 -21.32 -23.51 19.23
CA HIS A 397 -22.66 -23.75 18.72
C HIS A 397 -23.25 -22.81 17.66
N THR A 398 -22.38 -22.39 16.74
CA THR A 398 -22.72 -21.70 15.49
C THR A 398 -23.60 -20.42 15.45
N SER A 399 -23.71 -19.90 14.24
CA SER A 399 -24.67 -18.90 13.86
C SER A 399 -26.12 -19.34 14.01
N GLN A 400 -27.00 -18.36 14.20
CA GLN A 400 -28.39 -18.63 14.47
C GLN A 400 -29.27 -18.36 13.26
N ILE A 401 -28.66 -18.24 12.09
CA ILE A 401 -29.40 -18.29 10.83
C ILE A 401 -29.89 -19.73 10.63
N THR A 402 -31.21 -19.88 10.49
CA THR A 402 -31.82 -21.19 10.29
C THR A 402 -32.18 -21.39 8.83
N LYS A 403 -32.61 -22.61 8.49
CA LYS A 403 -32.94 -22.91 7.10
C LYS A 403 -34.26 -22.26 6.64
N GLU A 404 -35.15 -21.94 7.57
CA GLU A 404 -36.40 -21.31 7.16
C GLU A 404 -36.30 -19.79 7.07
N HIS A 405 -35.19 -19.23 7.54
CA HIS A 405 -34.91 -17.82 7.29
C HIS A 405 -34.68 -17.55 5.79
N LEU A 406 -34.19 -18.56 5.07
CA LEU A 406 -33.76 -18.40 3.68
C LEU A 406 -34.65 -19.00 2.56
N GLU A 407 -35.94 -18.66 2.48
CA GLU A 407 -36.73 -19.00 1.27
C GLU A 407 -37.52 -17.80 0.69
N PRO A 408 -36.92 -16.96 -0.15
CA PRO A 408 -37.64 -15.72 -0.51
C PRO A 408 -38.56 -15.88 -1.74
N ASN A 409 -38.13 -15.48 -2.94
CA ASN A 409 -38.98 -15.68 -4.14
C ASN A 409 -38.29 -16.29 -5.37
N LEU A 410 -36.95 -16.26 -5.38
CA LEU A 410 -36.15 -16.67 -6.55
C LEU A 410 -36.31 -18.13 -6.94
N GLU A 411 -35.66 -19.03 -6.21
CA GLU A 411 -35.69 -20.42 -6.65
C GLU A 411 -36.70 -21.32 -5.95
N GLY A 412 -36.56 -21.45 -4.63
CA GLY A 412 -37.25 -22.51 -3.95
C GLY A 412 -36.45 -23.80 -3.94
N LEU A 413 -35.12 -23.67 -4.00
CA LEU A 413 -34.22 -24.78 -3.67
C LEU A 413 -34.29 -24.99 -2.17
N THR A 414 -33.88 -26.14 -1.68
CA THR A 414 -33.63 -26.23 -0.25
C THR A 414 -32.26 -25.59 0.02
N VAL A 415 -31.96 -25.34 1.29
CA VAL A 415 -30.65 -24.79 1.68
C VAL A 415 -29.57 -25.77 1.24
N ASP A 416 -29.83 -27.06 1.47
CA ASP A 416 -28.94 -28.15 1.11
C ASP A 416 -28.64 -28.27 -0.39
N GLU A 417 -29.62 -27.98 -1.23
CA GLU A 417 -29.40 -28.01 -2.67
C GLU A 417 -28.60 -26.80 -3.17
N ALA A 418 -28.77 -25.66 -2.50
CA ALA A 418 -28.03 -24.46 -2.87
C ALA A 418 -26.56 -24.60 -2.49
N ILE A 419 -26.32 -25.28 -1.37
CA ILE A 419 -24.95 -25.57 -0.94
C ILE A 419 -24.27 -26.57 -1.87
N GLN A 420 -25.00 -27.64 -2.22
CA GLN A 420 -24.60 -28.64 -3.22
C GLN A 420 -24.15 -28.00 -4.54
N ASN A 421 -24.98 -27.08 -5.03
CA ASN A 421 -24.76 -26.38 -6.29
C ASN A 421 -23.97 -25.06 -6.16
N LYS A 422 -23.22 -24.88 -5.07
CA LYS A 422 -22.39 -23.70 -4.78
C LYS A 422 -23.12 -22.37 -4.96
N ARG A 423 -24.30 -22.24 -4.39
CA ARG A 423 -25.05 -21.00 -4.60
C ARG A 423 -25.16 -20.13 -3.35
N LEU A 424 -24.74 -20.63 -2.21
CA LEU A 424 -24.77 -19.84 -0.97
C LEU A 424 -23.37 -19.32 -0.57
N PHE A 425 -23.32 -18.04 -0.21
CA PHE A 425 -22.07 -17.36 0.07
C PHE A 425 -22.16 -16.65 1.41
N LEU A 426 -21.01 -16.43 2.04
CA LEU A 426 -20.97 -15.88 3.37
C LEU A 426 -20.01 -14.69 3.43
N LEU A 427 -20.43 -13.62 4.09
CA LEU A 427 -19.53 -12.56 4.50
C LEU A 427 -19.45 -12.65 6.01
N ASP A 428 -18.36 -13.19 6.53
CA ASP A 428 -18.25 -13.43 7.96
C ASP A 428 -17.33 -12.42 8.63
N HIS A 429 -17.93 -11.58 9.48
CA HIS A 429 -17.22 -10.60 10.28
C HIS A 429 -17.47 -10.87 11.76
N HIS A 430 -17.65 -12.14 12.11
CA HIS A 430 -18.04 -12.43 13.47
C HIS A 430 -16.83 -12.49 14.37
N ASP A 431 -15.86 -13.32 14.01
CA ASP A 431 -14.75 -13.60 14.93
C ASP A 431 -13.74 -12.53 15.33
N PRO A 432 -13.17 -11.69 14.45
CA PRO A 432 -12.13 -10.75 14.91
C PRO A 432 -12.64 -9.78 15.95
N ILE A 433 -13.88 -9.32 15.81
CA ILE A 433 -14.38 -8.24 16.68
C ILE A 433 -14.99 -8.72 18.00
N MET A 434 -15.48 -9.96 17.98
CA MET A 434 -16.16 -10.60 19.10
C MET A 434 -15.44 -10.50 20.43
N PRO A 435 -14.14 -10.84 20.55
CA PRO A 435 -13.50 -10.72 21.86
C PRO A 435 -13.30 -9.29 22.33
N TYR A 436 -13.49 -8.30 21.45
CA TYR A 436 -13.24 -6.91 21.83
C TYR A 436 -14.53 -6.12 21.97
N LEU A 437 -15.64 -6.71 21.57
CA LEU A 437 -16.91 -6.00 21.50
C LEU A 437 -17.42 -5.34 22.77
N ARG A 438 -17.25 -6.01 23.90
CA ARG A 438 -17.69 -5.49 25.19
C ARG A 438 -16.97 -4.19 25.55
N ARG A 439 -15.66 -4.18 25.30
CA ARG A 439 -14.82 -2.99 25.46
C ARG A 439 -15.21 -1.90 24.47
N ILE A 440 -15.39 -2.27 23.20
CA ILE A 440 -15.80 -1.32 22.16
C ILE A 440 -17.15 -0.67 22.49
N ASN A 441 -18.10 -1.47 23.00
CA ASN A 441 -19.43 -0.97 23.25
C ASN A 441 -19.57 -0.22 24.58
N ALA A 442 -18.50 -0.22 25.36
CA ALA A 442 -18.40 0.54 26.60
C ALA A 442 -17.90 2.00 26.35
N THR A 443 -17.50 2.27 25.11
CA THR A 443 -17.12 3.59 24.63
C THR A 443 -18.34 4.19 23.93
N SER A 444 -18.15 5.38 23.33
CA SER A 444 -19.07 6.03 22.40
C SER A 444 -19.55 5.24 21.17
N THR A 445 -18.81 4.23 20.78
CA THR A 445 -19.21 3.39 19.67
C THR A 445 -20.22 2.32 20.13
N LYS A 446 -21.18 1.94 19.31
CA LYS A 446 -22.01 0.77 19.56
C LYS A 446 -22.02 -0.10 18.32
N ALA A 447 -21.57 -1.35 18.44
CA ALA A 447 -21.34 -2.21 17.28
C ALA A 447 -21.81 -3.65 17.49
N TYR A 448 -21.98 -4.37 16.39
CA TYR A 448 -22.39 -5.76 16.38
C TYR A 448 -21.31 -6.54 15.67
N ALA A 449 -21.21 -7.82 15.99
CA ALA A 449 -20.46 -8.76 15.16
C ALA A 449 -21.45 -9.29 14.14
N THR A 450 -21.12 -9.26 12.86
CA THR A 450 -22.12 -9.59 11.87
C THR A 450 -21.77 -10.77 11.00
N ARG A 451 -22.81 -11.42 10.47
CA ARG A 451 -22.63 -12.38 9.38
C ARG A 451 -23.68 -12.09 8.31
N THR A 452 -23.29 -12.15 7.05
CA THR A 452 -24.36 -12.13 6.04
C THR A 452 -24.27 -13.25 5.05
N ILE A 453 -25.46 -13.72 4.64
CA ILE A 453 -25.59 -14.85 3.73
C ILE A 453 -26.13 -14.32 2.43
N LEU A 454 -25.54 -14.76 1.31
CA LEU A 454 -25.87 -14.25 0.00
C LEU A 454 -26.20 -15.37 -0.95
N PHE A 455 -27.07 -15.10 -1.92
CA PHE A 455 -27.52 -16.18 -2.80
C PHE A 455 -27.24 -15.73 -4.20
N LEU A 456 -26.67 -16.63 -4.97
CA LEU A 456 -26.43 -16.35 -6.36
C LEU A 456 -27.72 -16.61 -7.13
N LYS A 457 -28.27 -15.53 -7.67
CA LYS A 457 -29.44 -15.59 -8.53
C LYS A 457 -29.13 -16.17 -9.92
N ASN A 458 -30.16 -16.47 -10.68
CA ASN A 458 -30.05 -17.10 -12.00
C ASN A 458 -29.48 -16.17 -13.06
N ASP A 459 -29.62 -14.87 -12.82
CA ASP A 459 -29.05 -13.82 -13.67
C ASP A 459 -27.58 -13.54 -13.37
N GLY A 460 -27.00 -14.28 -12.44
CA GLY A 460 -25.59 -14.12 -12.17
C GLY A 460 -25.29 -13.01 -11.17
N THR A 461 -26.33 -12.39 -10.61
CA THR A 461 -26.09 -11.44 -9.52
C THR A 461 -26.33 -12.08 -8.15
N LEU A 462 -25.77 -11.41 -7.17
CA LEU A 462 -25.78 -11.83 -5.80
C LEU A 462 -26.82 -11.01 -5.05
N ARG A 463 -27.54 -11.64 -4.14
CA ARG A 463 -28.43 -10.86 -3.27
C ARG A 463 -28.34 -11.31 -1.80
N PRO A 464 -28.37 -10.34 -0.88
CA PRO A 464 -28.32 -10.72 0.53
C PRO A 464 -29.65 -11.30 0.97
N LEU A 465 -29.54 -12.34 1.79
CA LEU A 465 -30.73 -13.08 2.20
C LEU A 465 -31.00 -12.94 3.68
N ALA A 466 -29.94 -12.76 4.46
CA ALA A 466 -30.07 -12.72 5.92
C ALA A 466 -28.86 -12.01 6.49
N ILE A 467 -29.10 -11.19 7.50
CA ILE A 467 -28.02 -10.56 8.25
C ILE A 467 -28.20 -10.92 9.69
N GLU A 468 -27.15 -11.50 10.27
CA GLU A 468 -27.11 -11.82 11.68
C GLU A 468 -26.36 -10.73 12.43
N LEU A 469 -27.02 -10.04 13.34
CA LEU A 469 -26.35 -9.11 14.23
C LEU A 469 -26.16 -9.78 15.60
N SER A 470 -24.90 -9.99 15.96
CA SER A 470 -24.57 -10.74 17.14
C SER A 470 -23.91 -9.82 18.15
N LEU A 471 -24.21 -10.12 19.40
CA LEU A 471 -23.68 -9.41 20.54
C LEU A 471 -23.04 -10.40 21.48
N PRO A 472 -22.14 -9.92 22.33
CA PRO A 472 -21.58 -10.85 23.29
C PRO A 472 -22.28 -10.80 24.62
N HIS A 473 -22.94 -11.89 24.97
CA HIS A 473 -23.28 -12.21 26.37
C HIS A 473 -24.05 -11.15 27.17
N PRO A 474 -25.38 -11.22 27.21
CA PRO A 474 -26.07 -10.27 28.08
C PRO A 474 -25.58 -10.48 29.51
N GLN A 475 -25.50 -11.73 29.95
CA GLN A 475 -24.67 -12.08 31.09
C GLN A 475 -23.63 -13.05 30.58
N GLY A 476 -22.40 -12.96 31.08
CA GLY A 476 -21.45 -14.03 30.86
C GLY A 476 -20.21 -13.71 30.04
N ASP A 477 -19.88 -14.66 29.16
CA ASP A 477 -18.72 -14.74 28.26
C ASP A 477 -18.76 -16.17 27.79
N GLN A 478 -18.94 -17.10 28.73
CA GLN A 478 -19.38 -18.46 28.41
C GLN A 478 -20.84 -18.35 28.05
N SER A 479 -21.34 -19.36 27.34
CA SER A 479 -22.70 -19.41 26.79
C SER A 479 -22.94 -18.66 25.49
N GLY A 480 -21.92 -18.02 24.95
CA GLY A 480 -21.98 -17.67 23.55
C GLY A 480 -22.71 -16.41 23.10
N ALA A 481 -23.31 -16.52 21.91
CA ALA A 481 -23.80 -15.36 21.18
C ALA A 481 -25.26 -15.06 21.38
N PHE A 482 -25.51 -13.80 21.76
CA PHE A 482 -26.82 -13.19 21.69
C PHE A 482 -26.98 -12.64 20.26
N SER A 483 -27.84 -13.27 19.46
CA SER A 483 -27.97 -12.86 18.07
C SER A 483 -29.40 -12.51 17.71
N GLN A 484 -29.54 -11.56 16.80
CA GLN A 484 -30.80 -11.27 16.15
C GLN A 484 -30.55 -11.44 14.65
N VAL A 485 -31.56 -11.92 13.93
CA VAL A 485 -31.44 -11.99 12.48
C VAL A 485 -32.47 -11.15 11.74
N PHE A 486 -32.05 -10.55 10.62
CA PHE A 486 -32.88 -9.60 9.89
C PHE A 486 -32.93 -10.03 8.44
N LEU A 487 -34.03 -9.67 7.79
CA LEU A 487 -34.39 -10.22 6.51
C LEU A 487 -34.68 -9.03 5.62
N PRO A 488 -34.42 -9.14 4.32
CA PRO A 488 -34.68 -8.07 3.35
C PRO A 488 -36.13 -7.68 3.33
N ALA A 489 -36.38 -6.38 3.17
CA ALA A 489 -37.74 -5.88 3.06
C ALA A 489 -37.75 -4.70 2.09
N ASP A 490 -38.81 -4.64 1.28
CA ASP A 490 -38.93 -3.63 0.24
C ASP A 490 -39.56 -2.32 0.73
N GLU A 491 -40.42 -2.39 1.74
CA GLU A 491 -41.13 -1.17 2.20
C GLU A 491 -41.51 -1.16 3.68
N GLY A 492 -42.00 0.00 4.14
CA GLY A 492 -42.39 0.18 5.53
C GLY A 492 -41.17 0.38 6.41
N VAL A 493 -41.34 0.22 7.71
CA VAL A 493 -40.28 0.49 8.67
C VAL A 493 -39.22 -0.62 8.62
N GLU A 494 -39.68 -1.81 8.23
CA GLU A 494 -38.89 -3.01 7.99
C GLU A 494 -37.78 -2.80 6.96
N SER A 495 -38.00 -1.98 5.93
CA SER A 495 -36.92 -1.67 4.98
C SER A 495 -35.86 -0.76 5.60
N SER A 496 -36.30 0.17 6.45
CA SER A 496 -35.42 1.09 7.16
C SER A 496 -34.58 0.34 8.18
N ILE A 497 -35.22 -0.63 8.85
CA ILE A 497 -34.54 -1.58 9.74
C ILE A 497 -33.50 -2.37 8.95
N TRP A 498 -33.90 -2.84 7.76
CA TRP A 498 -33.02 -3.64 6.90
C TRP A 498 -31.83 -2.82 6.40
N LEU A 499 -32.04 -1.52 6.19
CA LEU A 499 -30.96 -0.64 5.72
C LEU A 499 -29.93 -0.36 6.81
N LEU A 500 -30.43 -0.21 8.02
CA LEU A 500 -29.60 -0.07 9.20
C LEU A 500 -28.83 -1.37 9.43
N ALA A 501 -29.47 -2.53 9.23
CA ALA A 501 -28.79 -3.82 9.33
C ALA A 501 -27.57 -3.96 8.39
N LYS A 502 -27.74 -3.42 7.18
CA LYS A 502 -26.67 -3.39 6.19
C LYS A 502 -25.58 -2.43 6.61
N ALA A 503 -25.96 -1.29 7.17
CA ALA A 503 -25.00 -0.36 7.71
C ALA A 503 -24.11 -1.01 8.78
N TYR A 504 -24.66 -1.86 9.67
CA TYR A 504 -23.85 -2.54 10.72
C TYR A 504 -22.85 -3.52 10.12
N VAL A 505 -23.24 -4.15 9.01
CA VAL A 505 -22.32 -4.98 8.26
C VAL A 505 -21.16 -4.16 7.63
N VAL A 506 -21.50 -3.05 6.99
CA VAL A 506 -20.53 -2.27 6.23
C VAL A 506 -19.52 -1.58 7.13
N VAL A 507 -20.01 -1.15 8.30
CA VAL A 507 -19.17 -0.69 9.38
C VAL A 507 -18.12 -1.75 9.82
N ASN A 508 -18.54 -3.01 10.00
CA ASN A 508 -17.58 -4.10 10.24
C ASN A 508 -16.59 -4.24 9.07
N ASP A 509 -17.14 -4.25 7.86
CA ASP A 509 -16.37 -4.43 6.63
C ASP A 509 -15.37 -3.30 6.36
N SER A 510 -15.78 -2.04 6.57
CA SER A 510 -14.88 -0.90 6.40
C SER A 510 -13.66 -0.95 7.26
N CYS A 511 -13.85 -1.40 8.50
CA CYS A 511 -12.80 -1.43 9.50
C CYS A 511 -11.82 -2.59 9.24
N TYR A 512 -12.37 -3.78 8.97
CA TYR A 512 -11.60 -4.92 8.51
C TYR A 512 -10.79 -4.55 7.26
N HIS A 513 -11.43 -3.90 6.31
CA HIS A 513 -10.71 -3.46 5.11
C HIS A 513 -9.56 -2.53 5.43
N GLN A 514 -9.77 -1.60 6.35
CA GLN A 514 -8.75 -0.61 6.58
C GLN A 514 -7.52 -1.21 7.25
N LEU A 515 -7.78 -1.96 8.31
CA LEU A 515 -6.75 -2.44 9.19
C LEU A 515 -6.07 -3.71 8.64
N VAL A 516 -6.84 -4.54 7.94
CA VAL A 516 -6.36 -5.86 7.55
C VAL A 516 -6.13 -5.90 6.04
N SER A 517 -7.17 -5.66 5.25
CA SER A 517 -7.04 -5.81 3.79
C SER A 517 -6.02 -4.83 3.21
N HIS A 518 -6.00 -3.61 3.75
CA HIS A 518 -5.12 -2.57 3.30
C HIS A 518 -3.83 -2.51 4.18
N TRP A 519 -3.94 -2.03 5.43
CA TRP A 519 -2.76 -1.84 6.29
C TRP A 519 -1.97 -3.15 6.51
N LEU A 520 -2.56 -4.15 7.16
CA LEU A 520 -1.83 -5.40 7.41
C LEU A 520 -1.32 -6.11 6.13
N ASN A 521 -2.23 -6.43 5.23
CA ASN A 521 -1.92 -7.38 4.15
C ASN A 521 -1.07 -6.80 3.04
N THR A 522 -0.92 -5.47 2.99
CA THR A 522 -0.03 -4.92 1.95
C THR A 522 1.10 -4.15 2.63
N HIS A 523 0.83 -2.94 3.11
CA HIS A 523 1.79 -2.08 3.84
C HIS A 523 2.67 -2.81 4.88
N ALA A 524 2.08 -3.43 5.91
CA ALA A 524 2.87 -3.96 7.04
C ALA A 524 3.70 -5.19 6.70
N VAL A 525 3.06 -6.10 5.99
CA VAL A 525 3.62 -7.40 5.64
C VAL A 525 4.73 -7.24 4.55
N VAL A 526 4.63 -6.27 3.67
CA VAL A 526 5.69 -6.02 2.68
C VAL A 526 6.98 -5.40 3.26
N GLU A 527 6.86 -4.49 4.22
CA GLU A 527 8.07 -3.87 4.79
C GLU A 527 9.27 -4.80 5.19
N PRO A 528 9.09 -5.92 5.90
CA PRO A 528 10.27 -6.77 6.19
C PRO A 528 11.00 -7.35 4.93
N PHE A 529 10.28 -7.51 3.82
CA PHE A 529 10.86 -7.94 2.55
C PHE A 529 11.78 -6.85 1.97
N ILE A 530 11.44 -5.57 2.20
CA ILE A 530 12.26 -4.48 1.73
C ILE A 530 13.55 -4.43 2.50
N ILE A 531 13.44 -4.68 3.80
CA ILE A 531 14.57 -4.67 4.68
C ILE A 531 15.49 -5.84 4.42
N ALA A 532 14.95 -7.06 4.36
CA ALA A 532 15.72 -8.26 4.05
C ALA A 532 16.45 -8.16 2.71
N THR A 533 15.75 -7.70 1.66
CA THR A 533 16.35 -7.48 0.33
C THR A 533 17.57 -6.55 0.31
N ASN A 534 17.45 -5.36 0.91
CA ASN A 534 18.56 -4.42 0.95
C ASN A 534 19.71 -4.87 1.84
N ARG A 535 19.40 -5.56 2.93
CA ARG A 535 20.48 -6.05 3.79
C ARG A 535 21.28 -7.21 3.21
N HIS A 536 20.67 -7.98 2.32
CA HIS A 536 21.32 -9.23 1.90
C HIS A 536 21.55 -9.47 0.41
N LEU A 537 20.87 -8.71 -0.45
CA LEU A 537 21.03 -8.84 -1.89
C LEU A 537 21.72 -7.59 -2.37
N SER A 538 22.86 -7.76 -3.04
CA SER A 538 23.59 -6.64 -3.62
C SER A 538 22.74 -5.97 -4.70
N VAL A 539 22.89 -4.64 -4.87
CA VAL A 539 22.24 -3.90 -5.94
C VAL A 539 22.46 -4.57 -7.30
N VAL A 540 23.54 -5.32 -7.40
CA VAL A 540 23.95 -6.01 -8.61
C VAL A 540 23.23 -7.36 -8.86
N HIS A 541 22.65 -7.96 -7.82
CA HIS A 541 21.99 -9.26 -7.89
C HIS A 541 20.76 -9.21 -8.80
N PRO A 542 20.56 -10.23 -9.63
CA PRO A 542 19.36 -10.28 -10.50
C PRO A 542 18.06 -10.14 -9.74
N ILE A 543 18.00 -10.77 -8.58
CA ILE A 543 16.76 -10.77 -7.82
C ILE A 543 16.49 -9.41 -7.15
N TYR A 544 17.54 -8.71 -6.72
CA TYR A 544 17.42 -7.31 -6.27
C TYR A 544 16.76 -6.44 -7.34
N LYS A 545 17.25 -6.52 -8.56
CA LYS A 545 16.70 -5.73 -9.68
C LYS A 545 15.28 -6.09 -10.06
N LEU A 546 14.94 -7.36 -9.96
CA LEU A 546 13.55 -7.79 -10.16
C LEU A 546 12.61 -7.14 -9.12
N LEU A 547 13.03 -7.11 -7.87
CA LEU A 547 12.15 -6.79 -6.76
C LEU A 547 12.12 -5.25 -6.50
N HIS A 548 13.25 -4.58 -6.75
CA HIS A 548 13.44 -3.15 -6.43
C HIS A 548 12.33 -2.17 -6.83
N PRO A 549 11.78 -2.16 -8.08
CA PRO A 549 10.76 -1.14 -8.39
C PRO A 549 9.49 -1.27 -7.58
N HIS A 550 9.26 -2.48 -7.10
CA HIS A 550 8.10 -2.81 -6.29
C HIS A 550 8.17 -2.38 -4.84
N TYR A 551 9.27 -1.74 -4.44
CA TYR A 551 9.41 -1.24 -3.09
C TYR A 551 9.36 0.30 -2.99
N ARG A 552 9.21 0.96 -4.10
CA ARG A 552 9.29 2.43 -4.15
C ARG A 552 8.30 3.16 -3.25
N ASP A 553 8.90 3.87 -2.28
CA ASP A 553 8.30 4.84 -1.37
C ASP A 553 7.53 4.15 -0.23
N THR A 554 7.59 2.81 -0.16
CA THR A 554 6.79 2.06 0.81
C THR A 554 7.20 2.29 2.26
N MET A 555 8.52 2.31 2.53
CA MET A 555 8.99 2.57 3.89
C MET A 555 8.64 4.00 4.36
N ASN A 556 8.60 4.94 3.40
CA ASN A 556 8.14 6.32 3.52
C ASN A 556 6.68 6.47 3.93
N ILE A 557 5.75 5.90 3.17
CA ILE A 557 4.34 6.00 3.53
C ILE A 557 4.08 5.20 4.84
N ASN A 558 4.80 4.09 5.04
CA ASN A 558 4.67 3.37 6.31
C ASN A 558 5.16 4.16 7.53
N GLY A 559 6.24 4.92 7.35
CA GLY A 559 6.80 5.67 8.45
C GLY A 559 5.86 6.81 8.82
N LEU A 560 5.23 7.38 7.81
CA LEU A 560 4.19 8.36 8.01
C LEU A 560 2.95 7.73 8.67
N ALA A 561 2.58 6.50 8.31
CA ALA A 561 1.46 5.80 8.99
C ALA A 561 1.69 5.64 10.50
N ARG A 562 2.90 5.25 10.86
CA ARG A 562 3.30 5.16 12.27
C ARG A 562 3.23 6.48 13.01
N LEU A 563 3.55 7.55 12.29
CA LEU A 563 3.50 8.89 12.88
C LEU A 563 2.08 9.43 12.94
N SER A 564 1.27 9.17 11.91
CA SER A 564 0.06 9.97 11.82
C SER A 564 -1.22 9.17 11.63
N LEU A 565 -1.10 7.92 11.23
CA LEU A 565 -2.31 7.21 10.86
C LEU A 565 -2.75 6.20 11.90
N VAL A 566 -1.81 5.42 12.41
CA VAL A 566 -2.13 4.18 13.08
C VAL A 566 -1.61 4.29 14.57
N ASN A 567 -1.20 5.51 14.89
CA ASN A 567 -0.70 5.84 16.21
C ASN A 567 -1.81 6.17 17.19
N ASP A 568 -1.40 6.29 18.44
CA ASP A 568 -2.31 6.51 19.58
C ASP A 568 -3.35 7.62 19.43
N GLY A 569 -3.06 8.81 18.96
CA GLY A 569 -4.26 9.64 18.88
C GLY A 569 -4.83 9.79 17.48
N GLY A 570 -4.32 8.95 16.59
CA GLY A 570 -4.33 9.26 15.18
C GLY A 570 -5.61 9.06 14.43
N VAL A 571 -5.53 9.20 13.12
CA VAL A 571 -6.69 9.19 12.21
C VAL A 571 -7.55 7.93 12.29
N ILE A 572 -6.90 6.77 12.24
CA ILE A 572 -7.64 5.52 12.20
C ILE A 572 -8.40 5.23 13.50
N GLU A 573 -7.76 5.52 14.63
CA GLU A 573 -8.37 5.36 15.95
C GLU A 573 -9.56 6.26 16.14
N GLN A 574 -9.53 7.46 15.57
CA GLN A 574 -10.63 8.40 15.73
C GLN A 574 -11.75 8.16 14.71
N THR A 575 -11.47 7.41 13.66
CA THR A 575 -12.40 7.34 12.52
C THR A 575 -13.09 5.99 12.40
N PHE A 576 -12.41 4.93 12.83
CA PHE A 576 -12.94 3.60 12.55
C PHE A 576 -13.43 2.84 13.78
N LEU A 577 -14.21 1.80 13.52
CA LEU A 577 -14.99 1.10 14.55
C LEU A 577 -14.21 0.54 15.71
N TRP A 578 -13.06 -0.07 15.42
CA TRP A 578 -12.26 -0.76 16.45
C TRP A 578 -11.51 0.22 17.37
N GLY A 579 -11.43 1.48 16.97
CA GLY A 579 -11.07 2.52 17.94
C GLY A 579 -9.64 2.37 18.40
N ARG A 580 -9.45 2.36 19.71
CA ARG A 580 -8.13 2.26 20.28
C ARG A 580 -7.53 0.83 20.19
N TYR A 581 -8.36 -0.13 19.79
CA TYR A 581 -8.00 -1.53 19.67
C TYR A 581 -7.66 -1.88 18.23
N SER A 582 -7.71 -0.88 17.33
CA SER A 582 -7.55 -1.14 15.89
C SER A 582 -6.31 -1.92 15.49
N VAL A 583 -5.14 -1.46 15.91
CA VAL A 583 -3.91 -2.07 15.46
C VAL A 583 -3.65 -3.44 16.12
N GLU A 584 -3.90 -3.53 17.42
CA GLU A 584 -3.72 -4.81 18.10
C GLU A 584 -4.68 -5.90 17.58
N MET A 585 -5.89 -5.52 17.13
CA MET A 585 -6.84 -6.45 16.56
C MET A 585 -6.28 -6.94 15.24
N SER A 586 -5.55 -6.09 14.52
CA SER A 586 -4.97 -6.57 13.25
C SER A 586 -3.78 -7.52 13.53
N ALA A 587 -3.11 -7.39 14.69
CA ALA A 587 -2.15 -8.40 15.11
C ALA A 587 -2.77 -9.74 15.45
N VAL A 588 -3.97 -9.72 16.06
CA VAL A 588 -4.72 -10.95 16.24
C VAL A 588 -5.03 -11.64 14.89
N VAL A 589 -5.40 -10.86 13.89
CA VAL A 589 -5.74 -11.40 12.58
C VAL A 589 -4.50 -11.93 11.85
N TYR A 590 -3.37 -11.24 12.08
CA TYR A 590 -2.06 -11.70 11.62
C TYR A 590 -1.70 -13.13 12.10
N LYS A 591 -2.20 -13.56 13.25
CA LYS A 591 -2.07 -14.98 13.63
C LYS A 591 -2.50 -15.94 12.50
N ASP A 592 -3.47 -15.58 11.71
CA ASP A 592 -3.96 -16.47 10.67
C ASP A 592 -3.36 -16.16 9.29
N TRP A 593 -2.48 -15.17 9.19
CA TRP A 593 -1.87 -14.80 7.89
C TRP A 593 -0.93 -15.90 7.39
N VAL A 594 -1.16 -16.38 6.17
CA VAL A 594 -0.13 -17.26 5.58
C VAL A 594 0.33 -16.79 4.21
N PHE A 595 1.65 -16.65 4.06
CA PHE A 595 2.30 -16.10 2.87
C PHE A 595 1.83 -16.68 1.53
N THR A 596 1.83 -18.00 1.43
CA THR A 596 1.44 -18.67 0.20
C THR A 596 -0.04 -18.63 -0.13
N ASP A 597 -0.89 -18.35 0.87
CA ASP A 597 -2.33 -18.10 0.63
C ASP A 597 -2.64 -16.69 0.06
N GLN A 598 -1.64 -15.83 -0.03
CA GLN A 598 -1.81 -14.49 -0.63
C GLN A 598 -1.75 -14.53 -2.13
N ALA A 599 -1.18 -15.62 -2.66
CA ALA A 599 -1.17 -15.88 -4.09
C ALA A 599 -2.62 -15.88 -4.54
N LEU A 600 -2.95 -15.11 -5.58
CA LEU A 600 -4.38 -15.05 -5.97
C LEU A 600 -5.16 -16.39 -6.15
N PRO A 601 -4.63 -17.37 -6.90
CA PRO A 601 -5.33 -18.65 -7.04
C PRO A 601 -5.52 -19.38 -5.71
N ALA A 602 -4.50 -19.34 -4.85
CA ALA A 602 -4.59 -20.01 -3.55
C ALA A 602 -5.68 -19.38 -2.70
N ASP A 603 -5.75 -18.04 -2.72
CA ASP A 603 -6.78 -17.29 -1.99
C ASP A 603 -8.20 -17.68 -2.42
N LEU A 604 -8.40 -17.70 -3.74
CA LEU A 604 -9.67 -18.05 -4.36
C LEU A 604 -10.18 -19.48 -3.98
N ILE A 605 -9.25 -20.45 -3.98
CA ILE A 605 -9.52 -21.84 -3.57
C ILE A 605 -9.83 -21.92 -2.08
N LYS A 606 -9.00 -21.28 -1.26
CA LYS A 606 -9.18 -21.28 0.18
C LYS A 606 -10.57 -20.77 0.60
N ARG A 607 -11.11 -19.79 -0.12
CA ARG A 607 -12.39 -19.21 0.22
C ARG A 607 -13.50 -19.93 -0.52
N GLY A 608 -13.15 -21.00 -1.24
CA GLY A 608 -14.13 -21.78 -1.93
C GLY A 608 -14.74 -21.11 -3.15
N MET A 609 -14.11 -20.06 -3.65
CA MET A 609 -14.63 -19.24 -4.75
C MET A 609 -14.12 -19.75 -6.09
N ALA A 610 -13.21 -20.71 -6.02
CA ALA A 610 -12.74 -21.36 -7.22
C ALA A 610 -12.46 -22.81 -6.92
N ILE A 611 -12.41 -23.64 -7.96
CA ILE A 611 -11.96 -25.01 -7.82
C ILE A 611 -10.85 -25.30 -8.83
N GLU A 612 -10.04 -26.32 -8.56
CA GLU A 612 -8.99 -26.77 -9.48
C GLU A 612 -9.61 -27.39 -10.72
N ASP A 613 -9.09 -27.02 -11.90
CA ASP A 613 -9.61 -27.44 -13.21
C ASP A 613 -8.62 -27.12 -14.32
N PRO A 614 -7.95 -28.15 -14.85
CA PRO A 614 -6.95 -27.96 -15.92
C PRO A 614 -7.48 -27.45 -17.27
N SER A 615 -8.74 -27.66 -17.60
CA SER A 615 -9.23 -27.22 -18.91
C SER A 615 -9.58 -25.72 -18.97
N CYS A 616 -9.60 -25.07 -17.81
CA CYS A 616 -9.93 -23.65 -17.72
C CYS A 616 -8.71 -22.80 -17.96
N PRO A 617 -8.90 -21.63 -18.58
CA PRO A 617 -7.83 -20.66 -18.89
C PRO A 617 -6.69 -20.44 -17.88
N HIS A 618 -6.95 -20.23 -16.61
CA HIS A 618 -5.81 -20.05 -15.71
C HIS A 618 -5.68 -21.23 -14.76
N GLY A 619 -6.18 -22.38 -15.16
CA GLY A 619 -6.06 -23.58 -14.34
C GLY A 619 -7.03 -23.69 -13.17
N ILE A 620 -7.91 -22.71 -13.02
CA ILE A 620 -8.95 -22.81 -11.99
C ILE A 620 -10.29 -22.49 -12.61
N ARG A 621 -11.35 -23.00 -11.99
CA ARG A 621 -12.70 -22.76 -12.45
C ARG A 621 -13.38 -21.91 -11.40
N LEU A 622 -14.09 -20.87 -11.84
CA LEU A 622 -14.79 -19.94 -10.94
C LEU A 622 -16.25 -20.24 -10.65
N VAL A 623 -16.49 -20.53 -9.38
CA VAL A 623 -17.81 -20.56 -8.80
C VAL A 623 -18.04 -19.07 -8.77
N ILE A 624 -19.14 -18.59 -9.32
CA ILE A 624 -19.32 -17.15 -9.67
C ILE A 624 -18.39 -16.66 -10.77
N GLU A 625 -18.91 -16.64 -12.00
CA GLU A 625 -18.16 -16.26 -13.20
C GLU A 625 -17.89 -14.76 -13.26
N ASP A 626 -18.93 -13.97 -13.00
CA ASP A 626 -18.85 -12.51 -12.98
C ASP A 626 -18.39 -12.01 -11.60
N TYR A 627 -17.12 -12.26 -11.28
CA TYR A 627 -16.52 -11.78 -10.05
C TYR A 627 -15.38 -10.90 -10.55
N PRO A 628 -15.65 -9.60 -10.67
CA PRO A 628 -14.75 -8.73 -11.42
C PRO A 628 -13.32 -8.67 -10.87
N TYR A 629 -13.15 -8.57 -9.56
CA TYR A 629 -11.84 -8.56 -8.93
C TYR A 629 -11.02 -9.84 -9.30
N THR A 630 -11.71 -10.95 -9.29
CA THR A 630 -11.06 -12.20 -9.47
C THR A 630 -10.71 -12.51 -10.91
N VAL A 631 -11.62 -12.20 -11.84
CA VAL A 631 -11.44 -12.51 -13.25
C VAL A 631 -10.39 -11.58 -13.79
N ASP A 632 -10.44 -10.29 -13.42
CA ASP A 632 -9.41 -9.34 -13.81
C ASP A 632 -8.05 -9.62 -13.11
N GLY A 633 -8.07 -9.86 -11.81
CA GLY A 633 -6.85 -10.14 -11.08
C GLY A 633 -6.09 -11.37 -11.58
N LEU A 634 -6.81 -12.39 -12.00
CA LEU A 634 -6.22 -13.61 -12.58
C LEU A 634 -5.38 -13.39 -13.86
N GLU A 635 -5.78 -12.44 -14.71
CA GLU A 635 -4.97 -12.03 -15.87
C GLU A 635 -3.66 -11.38 -15.45
N ILE A 636 -3.76 -10.50 -14.46
CA ILE A 636 -2.62 -9.77 -13.99
C ILE A 636 -1.68 -10.67 -13.18
N TRP A 637 -2.24 -11.61 -12.40
CA TRP A 637 -1.48 -12.57 -11.61
C TRP A 637 -0.60 -13.45 -12.54
N ASP A 638 -1.20 -13.96 -13.59
CA ASP A 638 -0.56 -14.75 -14.62
C ASP A 638 0.50 -13.96 -15.41
N ALA A 639 0.23 -12.69 -15.74
CA ALA A 639 1.24 -11.87 -16.38
C ALA A 639 2.48 -11.68 -15.47
N ILE A 640 2.25 -11.39 -14.20
CA ILE A 640 3.33 -11.31 -13.20
C ILE A 640 4.11 -12.66 -13.07
N LYS A 641 3.40 -13.77 -12.86
CA LYS A 641 4.00 -15.08 -12.68
C LYS A 641 4.89 -15.48 -13.86
N THR A 642 4.40 -15.29 -15.08
CA THR A 642 5.14 -15.58 -16.33
C THR A 642 6.41 -14.74 -16.43
N TRP A 643 6.28 -13.43 -16.23
CA TRP A 643 7.43 -12.51 -16.13
C TRP A 643 8.47 -12.99 -15.13
N VAL A 644 8.06 -13.25 -13.88
CA VAL A 644 9.00 -13.73 -12.84
C VAL A 644 9.61 -15.11 -13.22
N HIS A 645 8.84 -16.04 -13.75
CA HIS A 645 9.45 -17.31 -14.21
C HIS A 645 10.51 -17.12 -15.32
N GLU A 646 10.22 -16.32 -16.33
CA GLU A 646 11.16 -16.09 -17.42
C GLU A 646 12.42 -15.43 -16.88
N TYR A 647 12.24 -14.45 -15.98
CA TYR A 647 13.38 -13.79 -15.37
C TYR A 647 14.30 -14.70 -14.52
N VAL A 648 13.71 -15.33 -13.51
CA VAL A 648 14.36 -16.27 -12.64
C VAL A 648 15.12 -17.34 -13.45
N PHE A 649 14.50 -17.89 -14.51
CA PHE A 649 15.14 -18.95 -15.29
C PHE A 649 16.19 -18.42 -16.26
N LEU A 650 16.25 -17.11 -16.50
CA LEU A 650 17.39 -16.54 -17.21
C LEU A 650 18.70 -16.70 -16.39
N TYR A 651 18.58 -16.70 -15.06
CA TYR A 651 19.78 -16.57 -14.21
C TYR A 651 20.20 -17.85 -13.50
N TYR A 652 19.24 -18.70 -13.14
CA TYR A 652 19.61 -19.85 -12.35
C TYR A 652 19.62 -21.09 -13.24
N LYS A 653 20.82 -21.63 -13.49
CA LYS A 653 21.00 -22.76 -14.40
C LYS A 653 20.36 -24.06 -13.91
N SER A 654 20.19 -24.21 -12.59
CA SER A 654 19.70 -25.47 -12.00
C SER A 654 19.16 -25.12 -10.61
N ASP A 655 18.52 -26.08 -9.94
CA ASP A 655 18.10 -25.84 -8.55
C ASP A 655 19.32 -25.70 -7.60
N ASP A 656 20.44 -26.36 -7.92
CA ASP A 656 21.68 -26.27 -7.16
C ASP A 656 22.27 -24.88 -7.09
N THR A 657 22.16 -24.16 -8.20
CA THR A 657 22.70 -22.84 -8.37
C THR A 657 22.00 -21.84 -7.41
N LEU A 658 20.72 -22.12 -7.16
CA LEU A 658 19.93 -21.33 -6.26
C LEU A 658 20.26 -21.70 -4.83
N ARG A 659 20.50 -22.99 -4.56
CA ARG A 659 20.91 -23.47 -3.24
C ARG A 659 22.30 -22.97 -2.87
N GLU A 660 23.11 -22.64 -3.87
CA GLU A 660 24.49 -22.20 -3.71
C GLU A 660 24.57 -20.70 -3.51
N ASP A 661 23.52 -19.99 -3.86
CA ASP A 661 23.55 -18.53 -3.81
C ASP A 661 23.49 -18.03 -2.35
N PRO A 662 24.60 -17.50 -1.83
CA PRO A 662 24.66 -17.16 -0.40
C PRO A 662 23.82 -15.90 -0.07
N GLU A 663 23.68 -14.99 -1.03
CA GLU A 663 22.93 -13.76 -0.80
C GLU A 663 21.45 -14.07 -0.76
N LEU A 664 20.94 -14.82 -1.71
CA LEU A 664 19.52 -15.24 -1.68
C LEU A 664 19.17 -16.07 -0.43
N GLN A 665 20.05 -17.02 -0.09
CA GLN A 665 19.83 -17.90 1.06
C GLN A 665 19.81 -17.16 2.38
N ALA A 666 20.71 -16.19 2.52
CA ALA A 666 20.78 -15.35 3.71
C ALA A 666 19.59 -14.40 3.74
N CYS A 667 19.23 -13.86 2.58
CA CYS A 667 18.04 -12.99 2.48
C CYS A 667 16.82 -13.70 3.04
N TRP A 668 16.56 -14.90 2.54
CA TRP A 668 15.34 -15.62 2.90
C TRP A 668 15.32 -16.12 4.32
N LYS A 669 16.47 -16.57 4.82
CA LYS A 669 16.57 -17.01 6.18
C LYS A 669 16.26 -15.82 7.13
N GLU A 670 16.77 -14.64 6.82
CA GLU A 670 16.54 -13.49 7.73
C GLU A 670 15.10 -13.02 7.57
N LEU A 671 14.56 -13.11 6.37
CA LEU A 671 13.13 -12.79 6.18
C LEU A 671 12.25 -13.64 7.11
N VAL A 672 12.44 -14.95 7.05
CA VAL A 672 11.62 -15.89 7.76
C VAL A 672 11.88 -15.79 9.26
N GLU A 673 13.15 -15.69 9.65
CA GLU A 673 13.49 -15.83 11.05
C GLU A 673 13.47 -14.54 11.86
N VAL A 674 13.47 -13.39 11.18
CA VAL A 674 13.51 -12.10 11.84
C VAL A 674 12.35 -11.21 11.36
N GLY A 675 12.26 -10.91 10.07
CA GLY A 675 11.30 -9.98 9.52
C GLY A 675 9.85 -10.37 9.72
N HIS A 676 9.57 -11.68 9.58
CA HIS A 676 8.24 -12.27 9.86
C HIS A 676 8.48 -13.30 10.95
N GLY A 677 9.39 -12.90 11.84
CA GLY A 677 9.99 -13.78 12.84
C GLY A 677 9.09 -14.40 13.87
N ASP A 678 7.89 -13.86 14.08
CA ASP A 678 6.90 -14.56 14.93
C ASP A 678 6.27 -15.76 14.25
N LYS A 679 6.47 -15.91 12.94
CA LYS A 679 5.97 -17.05 12.20
C LYS A 679 7.09 -17.95 11.73
N LYS A 680 8.24 -17.88 12.37
CA LYS A 680 9.44 -18.58 11.89
C LYS A 680 9.34 -20.12 11.85
N ASN A 681 8.47 -20.70 12.66
CA ASN A 681 8.36 -22.14 12.74
C ASN A 681 7.20 -22.69 11.95
N GLU A 682 6.52 -21.82 11.21
CA GLU A 682 5.39 -22.31 10.43
C GLU A 682 5.84 -23.18 9.25
N PRO A 683 5.17 -24.32 9.02
CA PRO A 683 5.65 -25.26 8.01
C PRO A 683 5.38 -24.83 6.56
N TRP A 684 4.61 -23.77 6.34
CA TRP A 684 4.25 -23.42 5.00
C TRP A 684 5.25 -22.50 4.31
N TRP A 685 6.28 -22.01 5.01
CA TRP A 685 7.27 -21.17 4.35
C TRP A 685 7.95 -22.00 3.29
N PRO A 686 8.04 -21.47 2.08
CA PRO A 686 8.86 -22.12 1.06
C PRO A 686 10.28 -22.17 1.58
N LYS A 687 10.94 -23.27 1.29
CA LYS A 687 12.35 -23.29 1.60
C LYS A 687 12.92 -22.71 0.32
N MET A 688 14.18 -22.42 0.23
CA MET A 688 14.45 -21.86 -1.10
C MET A 688 15.36 -22.88 -1.73
N GLN A 689 14.82 -24.06 -2.00
CA GLN A 689 15.69 -25.13 -2.48
C GLN A 689 15.37 -25.46 -3.94
N THR A 690 14.54 -24.60 -4.55
CA THR A 690 13.98 -24.90 -5.86
C THR A 690 13.63 -23.60 -6.55
N ARG A 691 13.91 -23.53 -7.86
CA ARG A 691 13.63 -22.30 -8.62
C ARG A 691 12.16 -21.97 -8.65
N GLU A 692 11.32 -23.00 -8.71
CA GLU A 692 9.88 -22.87 -8.61
C GLU A 692 9.41 -22.16 -7.32
N GLU A 693 10.09 -22.39 -6.20
CA GLU A 693 9.76 -21.72 -4.94
C GLU A 693 10.14 -20.25 -4.96
N LEU A 694 11.25 -19.92 -5.64
CA LEU A 694 11.65 -18.54 -5.82
C LEU A 694 10.67 -17.81 -6.72
N VAL A 695 10.23 -18.49 -7.77
CA VAL A 695 9.19 -17.90 -8.64
C VAL A 695 7.92 -17.58 -7.85
N GLU A 696 7.44 -18.52 -7.06
CA GLU A 696 6.20 -18.32 -6.32
C GLU A 696 6.33 -17.21 -5.29
N ALA A 697 7.41 -17.19 -4.52
CA ALA A 697 7.65 -16.16 -3.52
C ALA A 697 7.76 -14.77 -4.12
N CYS A 698 8.52 -14.63 -5.21
CA CYS A 698 8.60 -13.35 -5.91
C CYS A 698 7.28 -12.90 -6.54
N ALA A 699 6.55 -13.83 -7.16
CA ALA A 699 5.23 -13.55 -7.68
C ALA A 699 4.29 -13.00 -6.59
N ILE A 700 4.29 -13.62 -5.40
CA ILE A 700 3.46 -13.17 -4.28
C ILE A 700 3.84 -11.73 -3.82
N ILE A 701 5.13 -11.44 -3.66
CA ILE A 701 5.61 -10.11 -3.26
C ILE A 701 5.16 -9.01 -4.24
N ILE A 702 5.46 -9.19 -5.53
CA ILE A 702 5.04 -8.25 -6.57
C ILE A 702 3.50 -8.13 -6.69
N TRP A 703 2.77 -9.24 -6.64
CA TRP A 703 1.30 -9.17 -6.59
C TRP A 703 0.78 -8.28 -5.44
N THR A 704 1.34 -8.51 -4.26
CA THR A 704 0.97 -7.80 -3.05
C THR A 704 1.21 -6.29 -3.17
N ALA A 705 2.41 -5.96 -3.61
CA ALA A 705 2.88 -4.58 -3.72
C ALA A 705 2.19 -3.83 -4.84
N SER A 706 1.74 -4.57 -5.85
CA SER A 706 1.21 -3.88 -7.02
C SER A 706 -0.30 -4.02 -7.13
N ALA A 707 -0.79 -5.14 -7.66
CA ALA A 707 -2.23 -5.19 -7.93
C ALA A 707 -3.14 -5.39 -6.72
N LEU A 708 -2.71 -6.15 -5.71
CA LEU A 708 -3.51 -6.36 -4.54
C LEU A 708 -3.68 -5.04 -3.81
N HIS A 709 -2.57 -4.28 -3.63
CA HIS A 709 -2.68 -2.94 -3.02
C HIS A 709 -3.53 -1.99 -3.86
N ALA A 710 -3.33 -1.97 -5.19
CA ALA A 710 -4.16 -1.12 -6.07
C ALA A 710 -5.64 -1.45 -5.86
N ALA A 711 -6.01 -2.72 -5.95
CA ALA A 711 -7.42 -3.11 -5.90
C ALA A 711 -8.13 -2.73 -4.59
N VAL A 712 -7.35 -2.72 -3.51
CA VAL A 712 -7.87 -2.57 -2.20
C VAL A 712 -7.74 -1.09 -1.82
N ASN A 713 -6.93 -0.32 -2.57
CA ASN A 713 -6.66 1.09 -2.23
C ASN A 713 -7.40 2.11 -3.10
N PHE A 714 -7.43 1.93 -4.41
CA PHE A 714 -7.82 3.10 -5.25
C PHE A 714 -9.32 3.23 -5.43
N GLY A 715 -10.09 2.35 -4.82
CA GLY A 715 -11.52 2.54 -4.90
C GLY A 715 -12.06 3.20 -3.63
N GLN A 716 -11.18 3.58 -2.71
CA GLN A 716 -11.61 4.07 -1.39
C GLN A 716 -12.44 5.32 -1.47
N TYR A 717 -11.99 6.34 -2.19
CA TYR A 717 -12.88 7.50 -2.35
C TYR A 717 -14.04 7.28 -3.34
N PRO A 718 -13.82 6.71 -4.53
CA PRO A 718 -14.95 6.49 -5.44
C PRO A 718 -16.12 5.73 -4.83
N TYR A 719 -15.91 4.77 -3.92
CA TYR A 719 -17.00 4.03 -3.30
C TYR A 719 -17.38 4.60 -1.94
N GLY A 720 -16.38 4.93 -1.15
CA GLY A 720 -16.58 5.43 0.20
C GLY A 720 -16.47 6.92 0.43
N GLY A 721 -16.29 7.71 -0.63
CA GLY A 721 -16.37 9.17 -0.49
C GLY A 721 -17.78 9.67 -0.26
N LEU A 722 -18.73 8.77 -0.34
CA LEU A 722 -20.06 9.01 0.20
C LEU A 722 -20.07 8.21 1.50
N ILE A 723 -20.09 8.89 2.65
CA ILE A 723 -20.06 8.22 3.96
C ILE A 723 -21.28 7.31 4.15
N LEU A 724 -22.35 7.51 3.40
CA LEU A 724 -23.62 6.79 3.55
C LEU A 724 -23.44 5.35 3.03
N ASN A 725 -22.56 5.22 2.02
CA ASN A 725 -22.31 3.93 1.39
C ASN A 725 -21.24 3.12 2.13
N ARG A 726 -20.20 3.78 2.64
CA ARG A 726 -19.24 3.10 3.51
C ARG A 726 -19.06 3.81 4.83
N PRO A 727 -20.00 3.67 5.77
CA PRO A 727 -19.81 4.23 7.12
C PRO A 727 -18.63 3.55 7.85
N THR A 728 -17.98 4.28 8.75
CA THR A 728 -16.76 3.75 9.34
C THR A 728 -16.96 3.37 10.78
N LEU A 729 -18.04 3.87 11.35
CA LEU A 729 -18.31 3.51 12.72
C LEU A 729 -19.82 3.56 12.92
N SER A 730 -20.29 2.88 13.96
CA SER A 730 -21.69 2.95 14.35
C SER A 730 -21.79 3.32 15.83
N ARG A 731 -22.81 4.10 16.21
CA ARG A 731 -22.87 4.63 17.56
C ARG A 731 -24.25 4.45 18.20
N ARG A 732 -25.09 3.61 17.60
CA ARG A 732 -26.37 3.27 18.20
C ARG A 732 -26.65 1.82 17.94
N PHE A 733 -27.40 1.19 18.84
CA PHE A 733 -27.85 -0.18 18.64
C PHE A 733 -29.14 -0.07 17.85
N MET A 734 -29.60 -1.20 17.34
CA MET A 734 -30.87 -1.27 16.64
C MET A 734 -32.04 -0.84 17.51
N PRO A 735 -32.87 0.09 17.01
CA PRO A 735 -34.17 0.37 17.61
C PRO A 735 -35.04 -0.87 17.68
N GLU A 736 -35.50 -1.10 18.89
CA GLU A 736 -36.35 -2.24 19.24
C GLU A 736 -37.79 -1.79 19.46
N LYS A 737 -38.73 -2.71 19.19
CA LYS A 737 -40.16 -2.68 19.64
C LYS A 737 -40.91 -1.35 19.63
N GLY A 738 -41.20 -0.85 20.83
CA GLY A 738 -41.96 0.37 20.99
C GLY A 738 -41.10 1.47 21.58
N SER A 739 -39.90 1.63 21.04
CA SER A 739 -38.98 2.66 21.46
C SER A 739 -39.39 4.02 20.91
N ALA A 740 -38.82 5.07 21.50
CA ALA A 740 -38.92 6.41 20.92
C ALA A 740 -37.96 6.55 19.71
N GLU A 741 -37.00 5.64 19.59
CA GLU A 741 -36.08 5.69 18.45
C GLU A 741 -36.68 4.92 17.28
N TYR A 742 -37.42 3.85 17.59
CA TYR A 742 -38.20 3.11 16.59
C TYR A 742 -39.22 4.00 15.90
N GLU A 743 -39.88 4.85 16.68
CA GLU A 743 -40.86 5.76 16.13
C GLU A 743 -40.20 6.84 15.30
N GLU A 744 -39.03 7.28 15.75
CA GLU A 744 -38.19 8.20 14.99
C GLU A 744 -37.77 7.58 13.66
N LEU A 745 -37.50 6.27 13.67
CA LEU A 745 -37.21 5.50 12.45
C LEU A 745 -38.39 5.48 11.49
N ARG A 746 -39.62 5.46 12.02
CA ARG A 746 -40.82 5.59 11.19
C ARG A 746 -40.95 7.00 10.58
N LYS A 747 -40.82 8.04 11.39
CA LYS A 747 -41.11 9.39 10.89
C LYS A 747 -39.96 10.09 10.17
N ASN A 748 -38.73 9.79 10.57
CA ASN A 748 -37.55 10.43 9.98
C ASN A 748 -36.37 9.47 9.87
N PRO A 749 -36.42 8.54 8.92
CA PRO A 749 -35.42 7.47 8.86
C PRO A 749 -34.05 7.93 8.40
N GLN A 750 -33.97 9.06 7.71
CA GLN A 750 -32.68 9.60 7.28
C GLN A 750 -31.85 10.05 8.47
N LYS A 751 -32.53 10.70 9.43
CA LYS A 751 -31.91 11.18 10.66
C LYS A 751 -31.52 10.02 11.57
N ALA A 752 -32.36 8.98 11.61
CA ALA A 752 -32.00 7.74 12.33
C ALA A 752 -30.74 7.00 11.76
N TYR A 753 -30.65 6.93 10.43
CA TYR A 753 -29.46 6.42 9.77
C TYR A 753 -28.23 7.26 10.12
N LEU A 754 -28.38 8.57 10.00
CA LEU A 754 -27.32 9.53 10.24
C LEU A 754 -26.81 9.51 11.68
N LYS A 755 -27.71 9.33 12.64
CA LYS A 755 -27.39 9.18 14.06
C LYS A 755 -26.72 7.84 14.40
N THR A 756 -26.90 6.84 13.55
CA THR A 756 -26.25 5.56 13.74
C THR A 756 -24.80 5.60 13.26
N ILE A 757 -24.53 6.28 12.16
CA ILE A 757 -23.20 6.18 11.55
C ILE A 757 -22.21 7.27 12.00
N THR A 758 -21.03 7.25 11.40
CA THR A 758 -19.99 8.25 11.59
C THR A 758 -20.52 9.66 11.67
N PRO A 759 -20.22 10.40 12.75
CA PRO A 759 -20.67 11.79 12.85
C PRO A 759 -20.00 12.69 11.81
N LYS A 760 -20.55 13.89 11.65
CA LYS A 760 -20.10 14.84 10.65
C LYS A 760 -18.61 15.18 10.75
N PHE A 761 -18.08 15.42 11.95
CA PHE A 761 -16.69 15.80 12.06
C PHE A 761 -15.72 14.70 11.57
N GLN A 762 -15.99 13.46 11.98
CA GLN A 762 -15.15 12.32 11.63
C GLN A 762 -15.36 11.95 10.18
N THR A 763 -16.53 12.29 9.63
CA THR A 763 -16.75 12.17 8.21
C THR A 763 -15.78 13.07 7.43
N LEU A 764 -15.62 14.32 7.84
CA LEU A 764 -14.70 15.27 7.17
C LEU A 764 -13.25 14.84 7.18
N ILE A 765 -12.84 14.20 8.27
CA ILE A 765 -11.52 13.60 8.42
C ILE A 765 -11.33 12.41 7.46
N ASP A 766 -12.28 11.50 7.47
CA ASP A 766 -12.28 10.30 6.64
C ASP A 766 -12.22 10.69 5.16
N LEU A 767 -13.03 11.65 4.76
CA LEU A 767 -13.07 12.04 3.34
C LEU A 767 -11.75 12.70 2.91
N SER A 768 -11.18 13.57 3.75
CA SER A 768 -9.93 14.25 3.44
C SER A 768 -8.77 13.29 3.28
N VAL A 769 -8.75 12.24 4.09
CA VAL A 769 -7.66 11.28 4.05
C VAL A 769 -7.82 10.31 2.86
N ILE A 770 -9.01 9.73 2.70
CA ILE A 770 -9.19 8.76 1.61
C ILE A 770 -9.20 9.41 0.22
N GLU A 771 -9.43 10.73 0.15
CA GLU A 771 -9.23 11.45 -1.11
C GLU A 771 -7.76 11.52 -1.52
N ILE A 772 -6.87 11.60 -0.53
CA ILE A 772 -5.43 11.62 -0.79
C ILE A 772 -4.95 10.21 -1.15
N LEU A 773 -5.34 9.24 -0.32
CA LEU A 773 -5.02 7.82 -0.51
C LEU A 773 -5.45 7.24 -1.84
N SER A 774 -6.56 7.75 -2.40
CA SER A 774 -7.12 7.30 -3.68
C SER A 774 -6.59 8.02 -4.90
N ARG A 775 -5.57 8.84 -4.73
CA ARG A 775 -4.97 9.61 -5.83
C ARG A 775 -3.65 9.06 -6.33
N HIS A 776 -3.45 9.17 -7.64
CA HIS A 776 -2.17 8.82 -8.21
C HIS A 776 -1.42 10.12 -8.38
N ALA A 777 -0.18 10.14 -7.93
CA ALA A 777 0.75 11.22 -8.20
C ALA A 777 1.05 11.27 -9.70
N SER A 778 1.46 12.41 -10.23
CA SER A 778 1.70 12.48 -11.67
C SER A 778 2.99 11.75 -12.10
N ASP A 779 3.84 11.41 -11.13
CA ASP A 779 5.09 10.74 -11.47
C ASP A 779 5.08 9.32 -10.96
N GLU A 780 3.88 8.77 -10.77
CA GLU A 780 3.69 7.36 -10.44
C GLU A 780 4.28 6.53 -11.57
N VAL A 781 4.89 5.41 -11.19
CA VAL A 781 5.49 4.42 -12.11
C VAL A 781 4.65 3.15 -12.03
N TYR A 782 4.01 2.78 -13.12
CA TYR A 782 3.00 1.74 -13.13
C TYR A 782 3.58 0.39 -13.50
N LEU A 783 2.85 -0.64 -13.14
CA LEU A 783 3.12 -2.02 -13.54
C LEU A 783 3.30 -2.06 -15.04
N GLY A 784 2.33 -1.50 -15.75
CA GLY A 784 2.24 -1.26 -17.19
C GLY A 784 3.57 -1.01 -17.87
N GLU A 785 4.36 -2.10 -17.88
CA GLU A 785 5.80 -2.18 -18.18
C GLU A 785 6.60 -1.02 -17.72
N ARG A 786 6.46 -0.56 -16.50
CA ARG A 786 7.31 0.61 -16.28
C ARG A 786 8.40 0.42 -15.30
N ASP A 787 9.50 1.08 -15.61
CA ASP A 787 10.64 1.26 -14.74
C ASP A 787 11.08 2.72 -14.82
N ASN A 788 12.00 3.09 -13.94
CA ASN A 788 12.71 4.38 -13.91
C ASN A 788 13.69 4.62 -15.08
N PRO A 789 14.91 4.05 -15.16
CA PRO A 789 15.72 4.28 -16.36
C PRO A 789 16.08 3.09 -17.28
N ASN A 790 17.11 2.32 -16.91
CA ASN A 790 17.85 1.30 -17.70
C ASN A 790 18.73 0.42 -16.79
N TRP A 791 17.97 -0.27 -15.97
CA TRP A 791 18.38 -1.03 -14.83
C TRP A 791 19.36 -2.16 -15.10
N THR A 792 19.48 -2.66 -16.33
CA THR A 792 20.41 -3.76 -16.56
C THR A 792 20.96 -3.70 -17.98
N SER A 793 22.15 -4.26 -18.19
CA SER A 793 22.72 -4.36 -19.52
C SER A 793 22.47 -5.74 -20.20
N ASP A 794 21.86 -6.64 -19.46
CA ASP A 794 21.40 -7.94 -19.96
C ASP A 794 20.22 -7.74 -20.92
N THR A 795 20.43 -7.97 -22.21
CA THR A 795 19.39 -7.74 -23.19
C THR A 795 18.27 -8.78 -23.15
N ARG A 796 18.56 -9.97 -22.63
CA ARG A 796 17.54 -10.99 -22.50
C ARG A 796 16.50 -10.59 -21.45
N ALA A 797 16.94 -9.93 -20.40
CA ALA A 797 16.01 -9.47 -19.39
C ALA A 797 15.18 -8.28 -19.92
N LEU A 798 15.78 -7.40 -20.72
CA LEU A 798 15.10 -6.24 -21.27
C LEU A 798 14.01 -6.68 -22.23
N GLU A 799 14.31 -7.69 -23.05
CA GLU A 799 13.34 -8.24 -23.96
C GLU A 799 12.22 -8.95 -23.21
N ALA A 800 12.56 -9.68 -22.15
CA ALA A 800 11.52 -10.30 -21.34
C ALA A 800 10.64 -9.25 -20.62
N PHE A 801 11.24 -8.17 -20.14
CA PHE A 801 10.49 -7.05 -19.53
C PHE A 801 9.59 -6.37 -20.56
N LYS A 802 10.10 -6.24 -21.78
CA LYS A 802 9.29 -5.80 -22.90
C LYS A 802 8.03 -6.65 -23.17
N ARG A 803 8.19 -7.96 -23.16
CA ARG A 803 7.06 -8.88 -23.36
C ARG A 803 6.04 -8.76 -22.22
N PHE A 804 6.53 -8.53 -21.01
CA PHE A 804 5.70 -8.32 -19.84
C PHE A 804 4.80 -7.09 -20.07
N GLY A 805 5.36 -6.00 -20.55
CA GLY A 805 4.48 -4.88 -20.83
C GLY A 805 3.56 -4.96 -22.02
N ASN A 806 3.97 -5.64 -23.08
CA ASN A 806 3.08 -5.87 -24.20
C ASN A 806 1.90 -6.74 -23.78
N LYS A 807 2.15 -7.72 -22.92
CA LYS A 807 1.11 -8.50 -22.28
C LYS A 807 0.17 -7.64 -21.42
N LEU A 808 0.74 -6.73 -20.65
CA LEU A 808 -0.07 -5.83 -19.83
C LEU A 808 -0.98 -4.93 -20.67
N ALA A 809 -0.46 -4.40 -21.77
CA ALA A 809 -1.25 -3.53 -22.65
C ALA A 809 -2.39 -4.26 -23.37
N GLN A 810 -2.12 -5.51 -23.68
CA GLN A 810 -3.12 -6.39 -24.24
C GLN A 810 -4.17 -6.79 -23.18
N ILE A 811 -3.76 -6.98 -21.93
CA ILE A 811 -4.69 -7.24 -20.84
C ILE A 811 -5.60 -6.01 -20.60
N GLU A 812 -5.03 -4.81 -20.63
CA GLU A 812 -5.83 -3.58 -20.50
C GLU A 812 -7.01 -3.49 -21.54
N ASN A 813 -6.73 -3.85 -22.79
CA ASN A 813 -7.76 -3.93 -23.83
C ASN A 813 -8.83 -5.02 -23.55
N LYS A 814 -8.39 -6.18 -23.07
CA LYS A 814 -9.33 -7.25 -22.68
C LYS A 814 -10.27 -6.82 -21.56
N LEU A 815 -9.73 -6.07 -20.61
CA LEU A 815 -10.52 -5.64 -19.48
C LEU A 815 -11.49 -4.54 -19.87
N SER A 816 -11.05 -3.58 -20.69
CA SER A 816 -11.95 -2.56 -21.23
C SER A 816 -13.10 -3.18 -21.97
N GLU A 817 -12.79 -4.21 -22.75
CA GLU A 817 -13.78 -5.00 -23.49
C GLU A 817 -14.85 -5.60 -22.57
N ARG A 818 -14.42 -6.17 -21.43
CA ARG A 818 -15.30 -6.76 -20.43
C ARG A 818 -16.25 -5.76 -19.81
N ASN A 819 -15.78 -4.52 -19.63
CA ASN A 819 -16.61 -3.43 -19.12
C ASN A 819 -17.74 -3.05 -20.07
N ASN A 820 -17.58 -3.32 -21.38
CA ASN A 820 -18.63 -3.06 -22.35
C ASN A 820 -19.56 -4.26 -22.62
N ASP A 821 -19.39 -5.37 -21.90
CA ASP A 821 -20.19 -6.56 -22.09
C ASP A 821 -21.39 -6.47 -21.17
N GLU A 822 -22.57 -6.36 -21.81
CA GLU A 822 -23.89 -6.14 -21.23
C GLU A 822 -24.34 -7.29 -20.34
N LYS A 823 -23.89 -8.50 -20.66
CA LYS A 823 -24.11 -9.71 -19.86
C LYS A 823 -23.44 -9.64 -18.49
N LEU A 824 -22.31 -8.92 -18.40
CA LEU A 824 -21.57 -8.88 -17.14
C LEU A 824 -22.03 -7.75 -16.20
N ARG A 825 -23.20 -7.94 -15.62
CA ARG A 825 -23.79 -6.95 -14.70
C ARG A 825 -23.00 -6.56 -13.45
N ASN A 826 -22.20 -7.47 -12.90
CA ASN A 826 -21.46 -7.14 -11.67
C ASN A 826 -20.31 -6.19 -11.90
N ARG A 827 -19.99 -5.96 -13.17
CA ARG A 827 -18.88 -5.08 -13.51
C ARG A 827 -19.27 -3.62 -13.41
N CYS A 828 -20.58 -3.34 -13.44
CA CYS A 828 -21.08 -1.98 -13.44
C CYS A 828 -22.08 -1.71 -12.30
N GLY A 829 -23.10 -2.57 -12.19
CA GLY A 829 -24.13 -2.42 -11.19
C GLY A 829 -25.18 -1.36 -11.48
N PRO A 830 -26.12 -1.17 -10.55
CA PRO A 830 -27.17 -0.13 -10.64
C PRO A 830 -26.55 1.26 -10.52
N VAL A 831 -25.30 1.27 -10.08
CA VAL A 831 -24.51 2.44 -9.77
C VAL A 831 -23.71 2.87 -11.04
N GLN A 832 -23.76 2.02 -12.09
CA GLN A 832 -23.15 2.24 -13.42
C GLN A 832 -21.71 2.75 -13.29
N MET A 833 -20.92 1.94 -12.59
CA MET A 833 -19.53 2.23 -12.27
C MET A 833 -18.60 1.12 -12.79
N PRO A 834 -18.21 1.19 -14.07
CA PRO A 834 -17.37 0.16 -14.70
C PRO A 834 -16.14 -0.20 -13.88
N TYR A 835 -15.89 -1.49 -13.66
CA TYR A 835 -14.74 -1.90 -12.83
C TYR A 835 -13.42 -1.74 -13.57
N THR A 836 -12.70 -0.64 -13.28
CA THR A 836 -11.44 -0.32 -13.98
C THR A 836 -10.25 -0.37 -13.01
N LEU A 837 -10.48 -0.75 -11.78
CA LEU A 837 -9.46 -0.78 -10.73
C LEU A 837 -8.21 -1.66 -11.05
N LEU A 838 -8.35 -2.61 -11.96
CA LEU A 838 -7.23 -3.48 -12.33
C LEU A 838 -6.71 -3.18 -13.74
N LEU A 839 -7.13 -2.04 -14.29
CA LEU A 839 -6.53 -1.54 -15.52
C LEU A 839 -5.12 -1.02 -15.10
N PRO A 840 -4.08 -1.54 -15.75
CA PRO A 840 -2.68 -1.29 -15.37
C PRO A 840 -2.27 0.17 -15.47
N SER A 841 -2.73 0.89 -16.49
CA SER A 841 -2.32 2.25 -16.70
C SER A 841 -3.31 3.26 -16.16
N SER A 842 -2.82 4.44 -15.90
CA SER A 842 -3.66 5.54 -15.49
C SER A 842 -2.99 6.87 -15.73
N LYS A 843 -3.82 7.89 -15.77
CA LYS A 843 -3.25 9.21 -16.04
C LYS A 843 -2.69 10.04 -14.85
N GLU A 844 -3.34 10.02 -13.67
CA GLU A 844 -3.10 11.00 -12.55
C GLU A 844 -4.39 11.47 -11.90
N GLY A 845 -4.39 11.56 -10.56
CA GLY A 845 -5.52 12.13 -9.86
C GLY A 845 -6.45 11.10 -9.27
N LEU A 846 -7.73 11.45 -9.11
CA LEU A 846 -8.72 10.58 -8.47
C LEU A 846 -9.32 9.74 -9.58
N THR A 847 -8.55 8.73 -9.85
CA THR A 847 -8.75 7.86 -10.92
C THR A 847 -9.05 6.52 -10.20
N PHE A 848 -10.05 5.83 -10.71
CA PHE A 848 -10.49 4.56 -10.19
C PHE A 848 -9.79 3.48 -11.07
N ARG A 849 -8.52 3.71 -11.40
CA ARG A 849 -7.75 2.79 -12.26
C ARG A 849 -6.23 2.95 -12.04
N GLY A 850 -5.43 2.02 -12.53
CA GLY A 850 -3.98 2.24 -12.44
C GLY A 850 -3.34 1.37 -11.40
N ILE A 851 -2.40 0.54 -11.83
CA ILE A 851 -1.69 -0.34 -10.90
C ILE A 851 -0.23 0.12 -10.75
N PRO A 852 0.09 0.81 -9.64
CA PRO A 852 1.47 1.22 -9.40
C PRO A 852 2.34 -0.01 -9.19
N ASN A 853 3.63 0.07 -9.49
CA ASN A 853 4.57 -1.01 -9.13
C ASN A 853 4.61 -1.36 -7.66
N SER A 854 4.32 -0.36 -6.81
CA SER A 854 4.66 -0.48 -5.40
C SER A 854 3.58 0.05 -4.49
N ILE A 855 3.72 -0.19 -3.19
CA ILE A 855 2.82 0.47 -2.25
C ILE A 855 3.41 1.87 -2.09
N SER A 856 2.83 2.88 -2.75
CA SER A 856 3.42 4.20 -2.77
C SER A 856 2.56 5.20 -2.03
N ILE A 857 1.40 4.77 -1.59
CA ILE A 857 0.50 5.66 -0.93
C ILE A 857 -0.37 4.79 -0.02
FE FE2 B . -1.99 2.23 0.80
C1 DHB C . -3.37 3.29 6.67
C2 DHB C . -2.05 3.16 6.29
C3 DHB C . -1.67 3.67 5.07
O3 DHB C . -0.42 3.60 4.68
C4 DHB C . -2.59 4.32 4.31
O4 DHB C . -2.20 4.79 3.16
C5 DHB C . -3.88 4.47 4.72
C6 DHB C . -4.30 3.94 5.92
C DHB C . -3.75 2.71 7.97
O1 DHB C . -2.81 2.68 8.76
O2 DHB C . -4.91 2.30 8.16
#